data_4YLI
#
_entry.id   4YLI
#
_cell.length_a   72.990
_cell.length_b   107.590
_cell.length_c   77.820
_cell.angle_alpha   90.000
_cell.angle_beta   91.490
_cell.angle_gamma   90.000
#
_symmetry.space_group_name_H-M   'P 1 21 1'
#
loop_
_entity.id
_entity.type
_entity.pdbx_description
1 polymer Collectin-11
2 non-polymer 'CALCIUM ION'
3 non-polymer 'CHLORIDE ION'
4 non-polymer GLYCEROL
5 water water
#
_entity_poly.entity_id   1
_entity_poly.type   'polypeptide(L)'
_entity_poly.pdbx_seq_one_letter_code
;SQLRKAIGEMDNQVSQLTSELKFIKNAVAGVRETESKIYLLVKEEKRYADAQLSCQGRGGTLSMPKDEAANGLMAAYLAQ
AGLARVFIGINDLEKEGAFVYSDHSPMRTFNKWRSGEPNNAYDEEDCVEMVASGGWNDVACHTTMYFMCEFDKEN
;
_entity_poly.pdbx_strand_id   A,B,C,D,E,F
#
# COMPACT_ATOMS: atom_id res chain seq x y z
N SER A 1 25.46 -18.10 -35.90
CA SER A 1 26.80 -18.46 -36.33
C SER A 1 27.85 -17.96 -35.33
N GLN A 2 29.08 -17.82 -35.78
CA GLN A 2 30.18 -17.45 -34.89
C GLN A 2 29.98 -16.08 -34.26
N LEU A 3 29.36 -15.18 -35.02
CA LEU A 3 29.03 -13.85 -34.53
C LEU A 3 27.96 -13.94 -33.47
N ARG A 4 27.10 -14.96 -33.58
CA ARG A 4 26.04 -15.21 -32.62
C ARG A 4 26.64 -15.43 -31.25
N LYS A 5 27.88 -15.92 -31.21
CA LYS A 5 28.58 -16.06 -29.95
C LYS A 5 28.81 -14.66 -29.37
N ALA A 6 29.32 -13.76 -30.22
CA ALA A 6 29.51 -12.36 -29.83
C ALA A 6 28.17 -11.65 -29.63
N ILE A 7 27.24 -11.91 -30.55
CA ILE A 7 25.88 -11.38 -30.50
C ILE A 7 25.10 -11.94 -29.32
N GLY A 8 25.26 -13.24 -29.09
CA GLY A 8 24.58 -13.93 -28.00
C GLY A 8 25.01 -13.39 -26.65
N GLU A 9 26.25 -12.93 -26.56
CA GLU A 9 26.71 -12.30 -25.34
C GLU A 9 26.00 -10.97 -25.24
N MET A 10 25.77 -10.35 -26.40
CA MET A 10 25.08 -9.08 -26.47
C MET A 10 23.61 -9.16 -26.08
N ASP A 11 22.94 -10.29 -26.33
CA ASP A 11 21.57 -10.40 -25.86
C ASP A 11 21.60 -10.40 -24.33
N ASN A 12 22.54 -11.16 -23.76
CA ASN A 12 22.75 -11.17 -22.32
C ASN A 12 23.22 -9.82 -21.79
N GLN A 13 24.11 -9.17 -22.54
CA GLN A 13 24.63 -7.87 -22.13
C GLN A 13 23.52 -6.82 -22.07
N VAL A 14 22.72 -6.77 -23.13
CA VAL A 14 21.59 -5.84 -23.19
C VAL A 14 20.57 -6.19 -22.11
N SER A 15 20.36 -7.49 -21.94
CA SER A 15 19.43 -7.99 -20.93
C SER A 15 19.92 -7.66 -19.52
N GLN A 16 21.22 -7.73 -19.32
CA GLN A 16 21.82 -7.39 -18.03
C GLN A 16 21.65 -5.91 -17.70
N LEU A 17 21.90 -5.05 -18.68
CA LEU A 17 21.72 -3.61 -18.50
C LEU A 17 20.27 -3.28 -18.17
N THR A 18 19.34 -3.98 -18.81
CA THR A 18 17.93 -3.77 -18.53
C THR A 18 17.60 -4.09 -17.08
N SER A 19 18.14 -5.20 -16.58
CA SER A 19 17.91 -5.61 -15.21
C SER A 19 18.56 -4.66 -14.19
N GLU A 20 19.82 -4.29 -14.43
CA GLU A 20 20.52 -3.39 -13.52
C GLU A 20 19.92 -1.99 -13.53
N LEU A 21 19.53 -1.52 -14.71
CA LEU A 21 18.90 -0.21 -14.82
C LEU A 21 17.58 -0.21 -14.06
N LYS A 22 16.87 -1.34 -14.14
CA LYS A 22 15.62 -1.49 -13.39
C LYS A 22 15.91 -1.38 -11.90
N PHE A 23 17.00 -2.01 -11.47
CA PHE A 23 17.44 -1.96 -10.08
C PHE A 23 17.74 -0.54 -9.63
N ILE A 24 18.52 0.18 -10.45
CA ILE A 24 18.89 1.55 -10.13
C ILE A 24 17.67 2.46 -10.09
N LYS A 25 16.79 2.29 -11.08
CA LYS A 25 15.57 3.07 -11.17
C LYS A 25 14.62 2.80 -9.99
N ASN A 26 14.45 1.53 -9.65
CA ASN A 26 13.48 1.13 -8.64
C ASN A 26 14.05 0.99 -7.23
N ALA A 27 15.06 0.13 -7.10
CA ALA A 27 15.63 -0.18 -5.79
C ALA A 27 16.45 0.97 -5.21
N VAL A 28 17.14 1.70 -6.07
CA VAL A 28 18.05 2.75 -5.61
C VAL A 28 17.39 4.13 -5.64
N ALA A 29 16.99 4.56 -6.83
CA ALA A 29 16.41 5.90 -6.97
C ALA A 29 14.98 5.92 -6.43
N GLY A 30 14.34 4.76 -6.42
CA GLY A 30 12.99 4.63 -5.89
C GLY A 30 12.01 5.50 -6.64
N VAL A 31 12.12 5.54 -7.96
CA VAL A 31 11.28 6.42 -8.76
C VAL A 31 9.99 5.72 -9.15
N ARG A 32 8.92 6.49 -9.31
CA ARG A 32 7.63 5.94 -9.70
C ARG A 32 7.23 6.42 -11.09
N GLU A 33 6.60 5.54 -11.86
CA GLU A 33 6.29 5.84 -13.24
C GLU A 33 4.96 5.24 -13.65
N THR A 34 4.17 6.01 -14.39
CA THR A 34 2.96 5.50 -15.02
C THR A 34 3.25 5.34 -16.50
N GLU A 35 2.21 5.26 -17.32
CA GLU A 35 2.40 5.07 -18.74
C GLU A 35 2.71 6.40 -19.45
N SER A 36 2.39 7.51 -18.81
CA SER A 36 2.59 8.82 -19.43
C SER A 36 3.54 9.73 -18.64
N LYS A 37 3.72 9.46 -17.35
CA LYS A 37 4.49 10.34 -16.49
C LYS A 37 5.38 9.61 -15.49
N ILE A 38 6.44 10.29 -15.06
CA ILE A 38 7.34 9.78 -14.04
C ILE A 38 7.33 10.68 -12.81
N TYR A 39 7.33 10.06 -11.63
CA TYR A 39 7.31 10.81 -10.38
C TYR A 39 8.58 10.55 -9.57
N LEU A 40 9.14 11.61 -9.01
CA LEU A 40 10.37 11.52 -8.23
C LEU A 40 10.25 12.26 -6.90
N LEU A 41 10.52 11.54 -5.81
CA LEU A 41 10.55 12.14 -4.48
C LEU A 41 11.93 12.72 -4.18
N VAL A 42 12.01 14.03 -3.99
CA VAL A 42 13.26 14.69 -3.67
C VAL A 42 13.32 15.02 -2.17
N LYS A 43 14.26 14.38 -1.47
CA LYS A 43 14.34 14.54 -0.03
C LYS A 43 15.29 15.67 0.37
N GLU A 44 14.98 16.88 -0.11
CA GLU A 44 15.69 18.08 0.28
C GLU A 44 14.69 19.12 0.72
N GLU A 45 14.81 19.57 1.97
CA GLU A 45 13.87 20.55 2.49
C GLU A 45 14.05 21.93 1.84
N LYS A 46 13.04 22.36 1.10
CA LYS A 46 13.02 23.66 0.46
C LYS A 46 11.65 24.31 0.62
N ARG A 47 11.57 25.61 0.36
CA ARG A 47 10.28 26.27 0.32
C ARG A 47 9.71 26.11 -1.07
N TYR A 48 8.42 26.43 -1.23
CA TYR A 48 7.70 26.13 -2.46
C TYR A 48 8.40 26.66 -3.72
N ALA A 49 8.84 27.91 -3.66
CA ALA A 49 9.49 28.55 -4.80
C ALA A 49 10.76 27.81 -5.21
N ASP A 50 11.54 27.38 -4.23
CA ASP A 50 12.78 26.65 -4.49
C ASP A 50 12.49 25.23 -4.95
N ALA A 51 11.43 24.62 -4.41
CA ALA A 51 11.04 23.28 -4.81
C ALA A 51 10.66 23.25 -6.28
N GLN A 52 9.86 24.23 -6.70
CA GLN A 52 9.42 24.33 -8.09
C GLN A 52 10.61 24.55 -9.02
N LEU A 53 11.56 25.40 -8.61
CA LEU A 53 12.76 25.64 -9.40
C LEU A 53 13.59 24.37 -9.55
N SER A 54 13.67 23.61 -8.46
CA SER A 54 14.42 22.36 -8.46
C SER A 54 13.79 21.37 -9.45
N CYS A 55 12.46 21.30 -9.45
CA CYS A 55 11.73 20.44 -10.38
C CYS A 55 11.94 20.89 -11.82
N GLN A 56 11.93 22.21 -12.03
CA GLN A 56 12.15 22.76 -13.37
C GLN A 56 13.58 22.53 -13.84
N GLY A 57 14.52 22.58 -12.90
CA GLY A 57 15.92 22.35 -13.24
C GLY A 57 16.15 20.95 -13.74
N ARG A 58 15.29 20.03 -13.30
CA ARG A 58 15.37 18.63 -13.72
C ARG A 58 14.53 18.34 -14.96
N GLY A 59 13.81 19.34 -15.45
CA GLY A 59 13.02 19.20 -16.64
C GLY A 59 11.56 18.86 -16.40
N GLY A 60 11.07 19.18 -15.21
CA GLY A 60 9.67 18.92 -14.87
C GLY A 60 9.06 20.01 -14.01
N THR A 61 8.01 19.66 -13.27
CA THR A 61 7.38 20.57 -12.32
C THR A 61 6.87 19.79 -11.13
N LEU A 62 6.44 20.49 -10.09
CA LEU A 62 5.83 19.85 -8.93
C LEU A 62 4.62 19.03 -9.35
N SER A 63 4.48 17.84 -8.76
CA SER A 63 3.45 16.88 -9.14
C SER A 63 2.06 17.49 -9.16
N MET A 64 1.28 17.11 -10.16
CA MET A 64 -0.06 17.66 -10.34
C MET A 64 -1.12 16.56 -10.42
N PRO A 65 -1.59 16.10 -9.26
CA PRO A 65 -2.64 15.08 -9.21
C PRO A 65 -3.96 15.61 -9.76
N LYS A 66 -4.22 15.34 -11.04
CA LYS A 66 -5.42 15.83 -11.71
C LYS A 66 -6.51 14.77 -11.73
N ASP A 67 -6.18 13.57 -11.27
CA ASP A 67 -7.14 12.48 -11.19
C ASP A 67 -6.86 11.56 -9.99
N GLU A 68 -7.76 10.62 -9.76
CA GLU A 68 -7.67 9.71 -8.61
C GLU A 68 -6.43 8.82 -8.67
N ALA A 69 -6.10 8.34 -9.87
CA ALA A 69 -4.99 7.42 -10.05
C ALA A 69 -3.65 8.04 -9.67
N ALA A 70 -3.38 9.24 -10.19
CA ALA A 70 -2.14 9.94 -9.91
C ALA A 70 -1.98 10.21 -8.41
N ASN A 71 -3.06 10.67 -7.78
CA ASN A 71 -3.03 10.98 -6.35
C ASN A 71 -2.72 9.75 -5.50
N GLY A 72 -3.31 8.62 -5.88
CA GLY A 72 -3.09 7.37 -5.17
C GLY A 72 -1.66 6.88 -5.26
N LEU A 73 -1.08 6.97 -6.45
CA LEU A 73 0.32 6.59 -6.65
C LEU A 73 1.22 7.44 -5.79
N MET A 74 0.99 8.75 -5.82
CA MET A 74 1.77 9.69 -5.02
C MET A 74 1.66 9.39 -3.53
N ALA A 75 0.45 9.06 -3.09
CA ALA A 75 0.22 8.73 -1.68
C ALA A 75 0.99 7.49 -1.26
N ALA A 76 0.95 6.45 -2.08
CA ALA A 76 1.67 5.22 -1.81
C ALA A 76 3.18 5.47 -1.79
N TYR A 77 3.62 6.30 -2.74
CA TYR A 77 5.01 6.71 -2.83
C TYR A 77 5.44 7.35 -1.51
N LEU A 78 4.62 8.27 -1.02
CA LEU A 78 4.87 8.94 0.25
C LEU A 78 4.92 7.97 1.43
N ALA A 79 3.97 7.04 1.46
CA ALA A 79 3.85 6.08 2.55
C ALA A 79 5.10 5.21 2.70
N GLN A 80 5.57 4.64 1.59
CA GLN A 80 6.73 3.75 1.63
C GLN A 80 8.02 4.45 2.07
N ALA A 81 8.13 5.74 1.79
CA ALA A 81 9.34 6.48 2.15
C ALA A 81 9.30 6.90 3.62
N GLY A 82 8.16 6.67 4.25
CA GLY A 82 8.01 7.01 5.67
C GLY A 82 7.93 8.51 5.89
N LEU A 83 7.46 9.23 4.87
CA LEU A 83 7.34 10.67 4.95
C LEU A 83 5.92 11.06 5.31
N ALA A 84 5.77 12.16 6.05
CA ALA A 84 4.46 12.63 6.47
C ALA A 84 3.84 13.61 5.48
N ARG A 85 4.70 14.34 4.76
CA ARG A 85 4.23 15.39 3.88
C ARG A 85 5.24 15.79 2.80
N VAL A 86 4.72 16.25 1.67
CA VAL A 86 5.54 16.82 0.61
C VAL A 86 4.78 17.95 -0.09
N PHE A 87 5.53 18.87 -0.67
CA PHE A 87 4.95 19.89 -1.54
C PHE A 87 4.44 19.27 -2.83
N ILE A 88 3.33 19.77 -3.35
CA ILE A 88 2.86 19.38 -4.68
C ILE A 88 2.50 20.61 -5.49
N GLY A 89 2.21 20.42 -6.77
CA GLY A 89 2.00 21.53 -7.69
C GLY A 89 0.61 22.14 -7.68
N ILE A 90 0.23 22.68 -6.52
CA ILE A 90 -1.05 23.39 -6.38
C ILE A 90 -0.87 24.64 -5.52
N ASN A 91 -1.48 25.75 -5.93
CA ASN A 91 -1.36 27.00 -5.19
C ASN A 91 -2.49 27.99 -5.52
N ASP A 92 -2.64 29.01 -4.68
CA ASP A 92 -3.54 30.11 -4.99
C ASP A 92 -2.83 31.45 -4.76
N LEU A 93 -1.59 31.50 -5.23
CA LEU A 93 -0.74 32.69 -5.06
C LEU A 93 -1.30 33.92 -5.78
N GLU A 94 -1.86 33.71 -6.96
CA GLU A 94 -2.24 34.83 -7.82
C GLU A 94 -3.59 35.43 -7.43
N LYS A 95 -4.48 34.61 -6.89
CA LYS A 95 -5.75 35.11 -6.36
C LYS A 95 -6.24 34.22 -5.22
N GLU A 96 -6.48 34.82 -4.05
CA GLU A 96 -6.86 34.07 -2.86
C GLU A 96 -8.14 33.29 -3.06
N GLY A 97 -8.09 31.98 -2.77
CA GLY A 97 -9.24 31.12 -2.92
C GLY A 97 -9.33 30.51 -4.30
N ALA A 98 -8.56 31.06 -5.24
CA ALA A 98 -8.53 30.57 -6.61
C ALA A 98 -7.31 29.67 -6.86
N PHE A 99 -7.47 28.38 -6.61
CA PHE A 99 -6.36 27.43 -6.74
C PHE A 99 -6.11 26.96 -8.17
N VAL A 100 -4.84 26.86 -8.53
CA VAL A 100 -4.43 26.40 -9.85
C VAL A 100 -3.27 25.42 -9.71
N TYR A 101 -2.99 24.67 -10.77
CA TYR A 101 -1.84 23.76 -10.77
C TYR A 101 -0.57 24.53 -11.13
N SER A 102 0.58 23.87 -11.01
CA SER A 102 1.87 24.51 -11.29
C SER A 102 2.02 24.87 -12.78
N ASP A 103 1.29 24.19 -13.65
CA ASP A 103 1.36 24.49 -15.08
C ASP A 103 0.36 25.58 -15.45
N HIS A 104 -0.18 26.23 -14.43
CA HIS A 104 -1.16 27.31 -14.60
C HIS A 104 -2.49 26.80 -15.16
N SER A 105 -2.64 25.49 -15.30
CA SER A 105 -3.92 24.93 -15.69
C SER A 105 -4.88 25.04 -14.50
N PRO A 106 -6.15 25.36 -14.77
CA PRO A 106 -7.10 25.63 -13.70
C PRO A 106 -7.46 24.40 -12.87
N MET A 107 -7.84 24.61 -11.63
CA MET A 107 -8.34 23.55 -10.77
C MET A 107 -9.69 23.08 -11.31
N ARG A 108 -9.99 21.80 -11.14
CA ARG A 108 -11.24 21.26 -11.66
C ARG A 108 -12.04 20.51 -10.60
N THR A 109 -12.99 19.69 -11.06
CA THR A 109 -13.91 18.99 -10.17
C THR A 109 -13.19 18.08 -9.18
N PHE A 110 -12.21 17.32 -9.68
CA PHE A 110 -11.45 16.42 -8.81
C PHE A 110 -10.59 17.17 -7.81
N ASN A 111 -10.64 16.74 -6.55
CA ASN A 111 -9.78 17.27 -5.50
C ASN A 111 -9.66 16.29 -4.35
N LYS A 112 -8.66 16.49 -3.50
CA LYS A 112 -8.47 15.66 -2.32
C LYS A 112 -8.27 16.49 -1.06
N TRP A 113 -8.99 17.61 -0.97
CA TRP A 113 -8.90 18.46 0.21
C TRP A 113 -9.34 17.72 1.47
N ARG A 114 -8.53 17.81 2.52
CA ARG A 114 -8.94 17.28 3.81
C ARG A 114 -10.09 18.14 4.36
N SER A 115 -10.81 17.61 5.33
CA SER A 115 -11.95 18.32 5.91
C SER A 115 -11.56 19.68 6.46
N GLY A 116 -12.26 20.72 6.03
CA GLY A 116 -12.00 22.06 6.48
C GLY A 116 -10.97 22.78 5.62
N GLU A 117 -10.41 22.07 4.65
CA GLU A 117 -9.39 22.64 3.78
C GLU A 117 -9.94 22.91 2.38
N PRO A 118 -9.38 23.92 1.70
CA PRO A 118 -8.32 24.79 2.23
C PRO A 118 -8.88 25.88 3.14
N ASN A 119 -8.18 26.17 4.23
CA ASN A 119 -8.70 27.10 5.23
C ASN A 119 -7.93 28.42 5.29
N ASN A 120 -6.80 28.47 4.59
CA ASN A 120 -5.96 29.67 4.55
C ASN A 120 -5.60 30.17 5.95
N ALA A 121 -5.09 29.27 6.78
CA ALA A 121 -4.79 29.55 8.18
C ALA A 121 -3.93 30.79 8.37
N TYR A 122 -4.42 31.72 9.19
CA TYR A 122 -3.71 32.96 9.51
C TYR A 122 -3.53 33.84 8.28
N ASP A 123 -4.31 33.57 7.24
CA ASP A 123 -4.27 34.35 6.01
C ASP A 123 -2.85 34.33 5.43
N GLU A 124 -2.17 33.21 5.55
CA GLU A 124 -0.78 33.10 5.11
C GLU A 124 -0.48 31.79 4.37
N GLU A 125 -1.51 31.10 3.92
CA GLU A 125 -1.32 29.81 3.26
C GLU A 125 -1.76 29.84 1.80
N ASP A 126 -0.78 29.85 0.89
CA ASP A 126 -1.07 29.92 -0.54
C ASP A 126 -0.49 28.75 -1.32
N CYS A 127 0.11 27.79 -0.62
CA CYS A 127 0.65 26.60 -1.26
C CYS A 127 -0.02 25.33 -0.72
N VAL A 128 0.28 24.20 -1.33
CA VAL A 128 -0.39 22.95 -0.98
C VAL A 128 0.57 21.80 -0.71
N GLU A 129 0.28 21.04 0.33
CA GLU A 129 1.04 19.84 0.67
C GLU A 129 0.18 18.59 0.52
N MET A 130 0.81 17.46 0.26
CA MET A 130 0.11 16.18 0.34
C MET A 130 0.60 15.42 1.57
N VAL A 131 -0.34 14.85 2.33
CA VAL A 131 0.03 14.05 3.48
C VAL A 131 0.02 12.56 3.10
N ALA A 132 0.54 11.72 3.99
CA ALA A 132 0.70 10.29 3.70
C ALA A 132 -0.61 9.63 3.28
N SER A 133 -1.73 10.11 3.82
CA SER A 133 -3.03 9.57 3.49
C SER A 133 -3.43 9.85 2.04
N GLY A 134 -2.81 10.87 1.43
CA GLY A 134 -3.12 11.26 0.08
C GLY A 134 -3.93 12.53 0.03
N GLY A 135 -4.37 12.99 1.19
CA GLY A 135 -5.17 14.21 1.29
C GLY A 135 -4.37 15.46 1.03
N TRP A 136 -5.05 16.54 0.63
CA TRP A 136 -4.38 17.81 0.38
C TRP A 136 -4.60 18.79 1.53
N ASN A 137 -3.62 19.66 1.73
CA ASN A 137 -3.72 20.71 2.75
C ASN A 137 -2.95 21.94 2.32
N ASP A 138 -3.60 23.11 2.37
CA ASP A 138 -2.92 24.35 2.03
C ASP A 138 -2.02 24.79 3.19
N VAL A 139 -0.85 25.31 2.85
CA VAL A 139 0.13 25.72 3.86
C VAL A 139 0.86 26.99 3.42
N ALA A 140 1.64 27.55 4.34
CA ALA A 140 2.44 28.73 4.03
C ALA A 140 3.54 28.37 3.03
N CYS A 141 3.75 29.23 2.05
CA CYS A 141 4.73 28.95 1.01
C CYS A 141 6.17 29.01 1.52
N HIS A 142 6.37 29.65 2.68
CA HIS A 142 7.71 29.76 3.26
C HIS A 142 8.03 28.53 4.11
N THR A 143 7.06 27.63 4.23
CA THR A 143 7.26 26.36 4.91
C THR A 143 8.34 25.54 4.20
N THR A 144 9.11 24.80 4.98
CA THR A 144 10.20 24.00 4.43
C THR A 144 9.93 22.50 4.56
N MET A 145 9.94 21.79 3.44
CA MET A 145 9.72 20.34 3.45
C MET A 145 10.19 19.67 2.17
N TYR A 146 10.13 18.34 2.15
CA TYR A 146 10.42 17.57 0.94
C TYR A 146 9.38 17.85 -0.13
N PHE A 147 9.67 17.46 -1.36
CA PHE A 147 8.74 17.67 -2.47
C PHE A 147 8.83 16.57 -3.52
N MET A 148 7.86 16.53 -4.41
CA MET A 148 7.80 15.50 -5.44
C MET A 148 7.66 16.13 -6.84
N CYS A 149 8.51 15.67 -7.76
CA CYS A 149 8.51 16.20 -9.12
C CYS A 149 7.78 15.28 -10.10
N GLU A 150 7.21 15.88 -11.14
CA GLU A 150 6.51 15.14 -12.18
C GLU A 150 7.15 15.40 -13.55
N PHE A 151 7.34 14.33 -14.32
CA PHE A 151 7.95 14.44 -15.63
C PHE A 151 7.04 13.82 -16.70
N ASP A 152 6.84 14.53 -17.80
CA ASP A 152 6.04 14.01 -18.89
C ASP A 152 6.93 13.20 -19.84
N LYS A 153 6.53 11.97 -20.13
CA LYS A 153 7.34 11.06 -20.94
C LYS A 153 7.41 11.45 -22.42
N GLU A 154 6.82 12.59 -22.77
CA GLU A 154 6.86 13.10 -24.14
C GLU A 154 8.27 13.07 -24.72
N SER B 1 12.72 -13.59 -40.83
CA SER B 1 11.81 -12.54 -40.40
C SER B 1 11.79 -12.44 -38.89
N GLN B 2 11.76 -13.59 -38.21
CA GLN B 2 11.75 -13.62 -36.75
C GLN B 2 13.07 -13.08 -36.23
N LEU B 3 14.14 -13.33 -36.97
CA LEU B 3 15.45 -12.79 -36.61
C LEU B 3 15.44 -11.27 -36.77
N ARG B 4 14.75 -10.80 -37.80
CA ARG B 4 14.60 -9.36 -38.04
C ARG B 4 13.75 -8.73 -36.95
N LYS B 5 12.79 -9.49 -36.44
CA LYS B 5 11.94 -9.05 -35.34
C LYS B 5 12.71 -8.94 -34.03
N ALA B 6 13.50 -9.97 -33.73
CA ALA B 6 14.30 -10.00 -32.51
C ALA B 6 15.36 -8.90 -32.51
N ILE B 7 15.98 -8.67 -33.67
CA ILE B 7 16.96 -7.60 -33.80
C ILE B 7 16.31 -6.23 -33.64
N GLY B 8 15.16 -6.05 -34.27
CA GLY B 8 14.43 -4.80 -34.15
C GLY B 8 13.94 -4.52 -32.74
N GLU B 9 13.61 -5.59 -32.02
CA GLU B 9 13.17 -5.47 -30.63
C GLU B 9 14.34 -5.10 -29.73
N MET B 10 15.51 -5.68 -30.02
CA MET B 10 16.71 -5.39 -29.25
C MET B 10 17.17 -3.95 -29.50
N ASP B 11 16.92 -3.46 -30.71
CA ASP B 11 17.24 -2.09 -31.06
C ASP B 11 16.41 -1.09 -30.27
N ASN B 12 15.11 -1.37 -30.15
CA ASN B 12 14.21 -0.52 -29.37
C ASN B 12 14.60 -0.55 -27.90
N GLN B 13 15.02 -1.73 -27.45
CA GLN B 13 15.46 -1.94 -26.07
C GLN B 13 16.69 -1.09 -25.77
N VAL B 14 17.66 -1.13 -26.67
CA VAL B 14 18.89 -0.35 -26.51
C VAL B 14 18.55 1.15 -26.49
N SER B 15 17.62 1.54 -27.36
CA SER B 15 17.17 2.92 -27.42
C SER B 15 16.45 3.32 -26.13
N GLN B 16 15.67 2.40 -25.57
CA GLN B 16 14.96 2.65 -24.33
C GLN B 16 15.92 2.84 -23.15
N LEU B 17 16.93 1.96 -23.07
CA LEU B 17 17.96 2.08 -22.03
C LEU B 17 18.73 3.39 -22.13
N THR B 18 19.01 3.81 -23.36
CA THR B 18 19.71 5.06 -23.60
C THR B 18 18.91 6.24 -23.04
N SER B 19 17.60 6.23 -23.29
CA SER B 19 16.71 7.29 -22.82
C SER B 19 16.57 7.29 -21.30
N GLU B 20 16.39 6.11 -20.72
CA GLU B 20 16.23 5.97 -19.27
C GLU B 20 17.51 6.32 -18.51
N LEU B 21 18.64 5.93 -19.07
CA LEU B 21 19.94 6.24 -18.47
C LEU B 21 20.17 7.75 -18.47
N LYS B 22 19.78 8.41 -19.56
CA LYS B 22 19.88 9.86 -19.67
C LYS B 22 19.02 10.57 -18.63
N PHE B 23 17.81 10.06 -18.43
CA PHE B 23 16.88 10.60 -17.45
C PHE B 23 17.45 10.53 -16.03
N ILE B 24 18.01 9.37 -15.69
CA ILE B 24 18.60 9.16 -14.37
C ILE B 24 19.78 10.10 -14.11
N LYS B 25 20.62 10.25 -15.11
CA LYS B 25 21.79 11.12 -14.99
C LYS B 25 21.40 12.57 -14.74
N ASN B 26 20.37 13.04 -15.46
CA ASN B 26 19.99 14.44 -15.41
C ASN B 26 18.94 14.76 -14.34
N ALA B 27 17.78 14.10 -14.42
CA ALA B 27 16.67 14.41 -13.53
C ALA B 27 16.91 13.92 -12.11
N VAL B 28 17.59 12.78 -11.97
CA VAL B 28 17.80 12.18 -10.65
C VAL B 28 19.15 12.53 -10.05
N ALA B 29 20.24 12.15 -10.72
CA ALA B 29 21.58 12.38 -10.17
C ALA B 29 21.98 13.85 -10.30
N GLY B 30 21.42 14.54 -11.29
CA GLY B 30 21.69 15.95 -11.52
C GLY B 30 23.13 16.28 -11.85
N VAL B 31 23.77 15.46 -12.66
CA VAL B 31 25.17 15.64 -13.00
C VAL B 31 25.33 16.53 -14.24
N ARG B 32 26.48 17.20 -14.32
CA ARG B 32 26.78 18.05 -15.47
C ARG B 32 27.89 17.40 -16.29
N GLU B 33 27.84 17.56 -17.60
CA GLU B 33 28.74 16.81 -18.46
C GLU B 33 29.22 17.64 -19.66
N THR B 34 30.52 17.58 -19.94
CA THR B 34 31.07 18.12 -21.18
C THR B 34 31.47 16.96 -22.08
N GLU B 35 32.33 17.23 -23.05
CA GLU B 35 32.76 16.19 -23.98
C GLU B 35 33.89 15.34 -23.39
N SER B 36 34.56 15.87 -22.38
CA SER B 36 35.69 15.18 -21.79
C SER B 36 35.50 14.89 -20.29
N LYS B 37 34.58 15.61 -19.65
CA LYS B 37 34.46 15.49 -18.19
C LYS B 37 33.03 15.46 -17.67
N ILE B 38 32.87 14.84 -16.51
CA ILE B 38 31.60 14.82 -15.79
C ILE B 38 31.78 15.49 -14.43
N TYR B 39 30.80 16.28 -14.03
CA TYR B 39 30.87 16.99 -12.76
C TYR B 39 29.74 16.52 -11.85
N LEU B 40 30.05 16.32 -10.58
CA LEU B 40 29.07 15.85 -9.61
C LEU B 40 29.11 16.68 -8.34
N LEU B 41 27.96 17.26 -8.00
CA LEU B 41 27.83 18.03 -6.76
C LEU B 41 27.48 17.08 -5.62
N VAL B 42 28.34 17.01 -4.61
CA VAL B 42 28.08 16.16 -3.44
C VAL B 42 27.64 17.00 -2.25
N LYS B 43 26.40 16.80 -1.83
CA LYS B 43 25.82 17.61 -0.77
C LYS B 43 26.05 16.97 0.61
N GLU B 44 27.32 16.76 0.93
CA GLU B 44 27.75 16.30 2.25
C GLU B 44 28.84 17.23 2.78
N GLU B 45 28.60 17.87 3.92
CA GLU B 45 29.57 18.78 4.49
C GLU B 45 30.81 18.05 5.01
N LYS B 46 31.94 18.34 4.38
CA LYS B 46 33.21 17.74 4.79
C LYS B 46 34.33 18.77 4.78
N ARG B 47 35.45 18.41 5.40
CA ARG B 47 36.66 19.22 5.33
C ARG B 47 37.39 18.88 4.04
N TYR B 48 38.33 19.72 3.63
CA TYR B 48 38.96 19.58 2.32
C TYR B 48 39.56 18.19 2.09
N ALA B 49 40.32 17.72 3.09
CA ALA B 49 40.99 16.43 2.98
C ALA B 49 39.99 15.29 2.75
N ASP B 50 38.86 15.35 3.45
CA ASP B 50 37.83 14.34 3.31
C ASP B 50 37.08 14.47 1.97
N ALA B 51 36.92 15.71 1.52
CA ALA B 51 36.26 15.94 0.23
C ALA B 51 37.06 15.30 -0.90
N GLN B 52 38.37 15.53 -0.89
CA GLN B 52 39.26 14.96 -1.90
C GLN B 52 39.26 13.44 -1.83
N LEU B 53 39.29 12.90 -0.62
CA LEU B 53 39.27 11.46 -0.44
C LEU B 53 37.97 10.86 -0.98
N SER B 54 36.86 11.55 -0.73
CA SER B 54 35.56 11.11 -1.21
C SER B 54 35.52 11.11 -2.73
N CYS B 55 36.05 12.17 -3.33
CA CYS B 55 36.12 12.26 -4.79
C CYS B 55 36.99 11.15 -5.37
N GLN B 56 38.11 10.86 -4.70
CA GLN B 56 39.02 9.81 -5.17
C GLN B 56 38.38 8.43 -5.06
N GLY B 57 37.59 8.24 -4.00
CA GLY B 57 36.88 6.99 -3.80
C GLY B 57 35.85 6.71 -4.89
N ARG B 58 35.35 7.78 -5.50
CA ARG B 58 34.35 7.66 -6.55
C ARG B 58 35.03 7.56 -7.92
N GLY B 59 36.35 7.68 -7.93
CA GLY B 59 37.13 7.56 -9.15
C GLY B 59 37.43 8.90 -9.80
N GLY B 60 37.41 9.98 -9.02
CA GLY B 60 37.67 11.30 -9.55
C GLY B 60 38.48 12.18 -8.62
N THR B 61 38.36 13.49 -8.79
CA THR B 61 39.03 14.43 -7.92
C THR B 61 38.17 15.70 -7.76
N LEU B 62 38.52 16.56 -6.81
CA LEU B 62 37.83 17.85 -6.66
C LEU B 62 37.95 18.65 -7.95
N SER B 63 36.86 19.31 -8.34
CA SER B 63 36.78 20.03 -9.61
C SER B 63 37.93 20.99 -9.84
N MET B 64 38.41 21.04 -11.09
CA MET B 64 39.55 21.87 -11.44
C MET B 64 39.22 22.82 -12.59
N PRO B 65 38.64 23.97 -12.28
CA PRO B 65 38.34 24.96 -13.32
C PRO B 65 39.62 25.54 -13.91
N LYS B 66 40.07 24.99 -15.03
CA LYS B 66 41.32 25.44 -15.65
C LYS B 66 41.10 26.43 -16.79
N ASP B 67 39.84 26.64 -17.15
CA ASP B 67 39.49 27.62 -18.17
C ASP B 67 38.13 28.23 -17.87
N GLU B 68 37.77 29.27 -18.63
CA GLU B 68 36.53 30.00 -18.40
C GLU B 68 35.29 29.13 -18.58
N ALA B 69 35.35 28.24 -19.57
CA ALA B 69 34.21 27.37 -19.88
C ALA B 69 33.87 26.43 -18.72
N ALA B 70 34.89 25.77 -18.18
CA ALA B 70 34.71 24.88 -17.04
C ALA B 70 34.20 25.65 -15.82
N ASN B 71 34.78 26.81 -15.57
CA ASN B 71 34.40 27.63 -14.42
C ASN B 71 32.93 28.06 -14.53
N GLY B 72 32.53 28.41 -15.74
CA GLY B 72 31.16 28.82 -15.99
C GLY B 72 30.17 27.69 -15.77
N LEU B 73 30.51 26.49 -16.23
CA LEU B 73 29.67 25.31 -16.03
C LEU B 73 29.50 25.03 -14.54
N MET B 74 30.62 25.06 -13.80
CA MET B 74 30.59 24.85 -12.36
C MET B 74 29.76 25.93 -11.65
N ALA B 75 29.93 27.18 -12.07
CA ALA B 75 29.19 28.29 -11.48
C ALA B 75 27.68 28.17 -11.66
N ALA B 76 27.26 27.84 -12.89
CA ALA B 76 25.84 27.65 -13.18
C ALA B 76 25.29 26.47 -12.41
N TYR B 77 26.11 25.43 -12.29
CA TYR B 77 25.79 24.23 -11.53
C TYR B 77 25.46 24.59 -10.08
N LEU B 78 26.32 25.40 -9.46
CA LEU B 78 26.08 25.88 -8.10
C LEU B 78 24.79 26.69 -8.00
N ALA B 79 24.61 27.60 -8.96
CA ALA B 79 23.45 28.48 -8.96
C ALA B 79 22.13 27.71 -9.05
N GLN B 80 22.04 26.79 -9.99
CA GLN B 80 20.83 26.01 -10.18
C GLN B 80 20.51 25.15 -8.96
N ALA B 81 21.56 24.73 -8.24
CA ALA B 81 21.40 23.91 -7.05
C ALA B 81 21.09 24.74 -5.81
N GLY B 82 21.15 26.06 -5.96
CA GLY B 82 20.85 26.97 -4.86
C GLY B 82 21.89 27.01 -3.77
N LEU B 83 23.14 26.74 -4.13
CA LEU B 83 24.24 26.72 -3.16
C LEU B 83 24.99 28.03 -3.15
N ALA B 84 25.52 28.40 -1.98
CA ALA B 84 26.26 29.63 -1.82
C ALA B 84 27.76 29.42 -2.05
N ARG B 85 28.24 28.22 -1.75
CA ARG B 85 29.68 27.92 -1.84
C ARG B 85 29.95 26.42 -1.89
N VAL B 86 31.05 26.04 -2.54
CA VAL B 86 31.52 24.65 -2.50
C VAL B 86 33.04 24.59 -2.53
N PHE B 87 33.60 23.52 -1.98
CA PHE B 87 35.03 23.23 -2.12
C PHE B 87 35.33 22.84 -3.56
N ILE B 88 36.47 23.29 -4.07
CA ILE B 88 36.93 22.86 -5.38
C ILE B 88 38.40 22.47 -5.29
N GLY B 89 38.92 21.88 -6.37
CA GLY B 89 40.26 21.30 -6.37
C GLY B 89 41.40 22.27 -6.59
N ILE B 90 41.53 23.23 -5.68
CA ILE B 90 42.65 24.17 -5.71
C ILE B 90 43.15 24.39 -4.29
N ASN B 91 44.47 24.41 -4.13
CA ASN B 91 45.08 24.59 -2.81
C ASN B 91 46.53 25.07 -2.90
N ASP B 92 47.04 25.56 -1.77
CA ASP B 92 48.46 25.90 -1.65
C ASP B 92 49.03 25.29 -0.37
N LEU B 93 48.67 24.04 -0.13
CA LEU B 93 49.07 23.32 1.09
C LEU B 93 50.57 23.11 1.21
N GLU B 94 51.23 22.78 0.11
CA GLU B 94 52.65 22.39 0.17
C GLU B 94 53.59 23.59 0.19
N LYS B 95 53.18 24.70 -0.42
CA LYS B 95 53.96 25.92 -0.39
C LYS B 95 53.05 27.15 -0.41
N GLU B 96 53.21 28.00 0.61
CA GLU B 96 52.34 29.17 0.76
C GLU B 96 52.46 30.10 -0.45
N GLY B 97 51.33 30.43 -1.04
CA GLY B 97 51.30 31.32 -2.19
C GLY B 97 51.46 30.59 -3.51
N ALA B 98 51.90 29.33 -3.44
CA ALA B 98 52.09 28.51 -4.65
C ALA B 98 50.91 27.57 -4.85
N PHE B 99 49.89 28.06 -5.55
CA PHE B 99 48.67 27.29 -5.73
C PHE B 99 48.77 26.24 -6.83
N VAL B 100 48.18 25.09 -6.56
CA VAL B 100 48.13 23.99 -7.51
C VAL B 100 46.72 23.41 -7.54
N TYR B 101 46.42 22.66 -8.60
CA TYR B 101 45.15 21.96 -8.70
C TYR B 101 45.22 20.60 -7.99
N SER B 102 44.08 19.94 -7.88
CA SER B 102 44.03 18.66 -7.15
C SER B 102 44.85 17.57 -7.84
N ASP B 103 45.11 17.70 -9.13
CA ASP B 103 45.93 16.73 -9.85
C ASP B 103 47.41 17.13 -9.79
N HIS B 104 47.72 18.06 -8.89
CA HIS B 104 49.07 18.58 -8.67
C HIS B 104 49.60 19.44 -9.83
N SER B 105 48.76 19.70 -10.82
CA SER B 105 49.16 20.59 -11.92
C SER B 105 49.17 22.04 -11.43
N PRO B 106 50.15 22.83 -11.91
CA PRO B 106 50.36 24.20 -11.41
C PRO B 106 49.25 25.16 -11.80
N MET B 107 49.08 26.22 -10.99
CA MET B 107 48.16 27.30 -11.31
C MET B 107 48.71 28.04 -12.53
N ARG B 108 47.83 28.57 -13.36
CA ARG B 108 48.30 29.23 -14.57
C ARG B 108 47.73 30.63 -14.69
N THR B 109 47.79 31.19 -15.88
CA THR B 109 47.35 32.58 -16.10
C THR B 109 45.88 32.75 -15.73
N PHE B 110 45.05 31.83 -16.19
CA PHE B 110 43.62 31.88 -15.91
C PHE B 110 43.35 31.69 -14.42
N ASN B 111 42.50 32.55 -13.87
CA ASN B 111 42.02 32.41 -12.50
C ASN B 111 40.71 33.16 -12.33
N LYS B 112 39.99 32.87 -11.26
CA LYS B 112 38.75 33.58 -11.00
C LYS B 112 38.74 34.09 -9.56
N TRP B 113 39.90 34.51 -9.08
CA TRP B 113 40.03 35.03 -7.73
C TRP B 113 39.15 36.25 -7.53
N ARG B 114 38.41 36.28 -6.44
CA ARG B 114 37.67 37.48 -6.07
C ARG B 114 38.68 38.57 -5.69
N SER B 115 38.24 39.83 -5.70
CA SER B 115 39.13 40.94 -5.38
C SER B 115 39.76 40.76 -4.00
N GLY B 116 41.09 40.85 -3.94
CA GLY B 116 41.81 40.71 -2.69
C GLY B 116 42.23 39.29 -2.37
N GLU B 117 41.84 38.35 -3.23
CA GLU B 117 42.15 36.94 -3.01
C GLU B 117 43.22 36.43 -3.99
N PRO B 118 43.99 35.42 -3.56
CA PRO B 118 43.90 34.81 -2.22
C PRO B 118 44.65 35.65 -1.20
N ASN B 119 44.08 35.80 0.00
CA ASN B 119 44.67 36.72 0.98
C ASN B 119 45.30 35.98 2.15
N ASN B 120 45.09 34.66 2.21
CA ASN B 120 45.66 33.85 3.29
C ASN B 120 45.32 34.42 4.66
N ALA B 121 44.04 34.70 4.89
CA ALA B 121 43.56 35.37 6.10
C ALA B 121 44.08 34.72 7.38
N TYR B 122 44.76 35.52 8.19
CA TYR B 122 45.30 35.07 9.46
C TYR B 122 46.33 33.96 9.25
N ASP B 123 46.84 33.85 8.02
CA ASP B 123 47.86 32.86 7.69
C ASP B 123 47.36 31.44 7.99
N GLU B 124 46.08 31.19 7.73
CA GLU B 124 45.48 29.90 8.05
C GLU B 124 44.55 29.39 6.93
N GLU B 125 44.70 29.97 5.74
CA GLU B 125 43.84 29.61 4.60
C GLU B 125 44.63 29.00 3.45
N ASP B 126 44.51 27.67 3.27
CA ASP B 126 45.27 26.98 2.24
C ASP B 126 44.39 26.18 1.26
N CYS B 127 43.08 26.29 1.39
CA CYS B 127 42.17 25.62 0.47
C CYS B 127 41.27 26.64 -0.24
N VAL B 128 40.52 26.19 -1.23
CA VAL B 128 39.75 27.12 -2.07
C VAL B 128 38.28 26.75 -2.20
N GLU B 129 37.42 27.77 -2.11
CA GLU B 129 35.99 27.60 -2.31
C GLU B 129 35.55 28.36 -3.55
N MET B 130 34.48 27.88 -4.19
CA MET B 130 33.82 28.65 -5.24
C MET B 130 32.49 29.13 -4.73
N VAL B 131 32.20 30.42 -4.94
CA VAL B 131 30.93 31.01 -4.55
C VAL B 131 29.99 31.04 -5.76
N ALA B 132 28.72 31.36 -5.50
CA ALA B 132 27.68 31.32 -6.53
C ALA B 132 28.04 32.12 -7.78
N SER B 133 28.75 33.22 -7.59
CA SER B 133 29.15 34.07 -8.71
C SER B 133 30.15 33.39 -9.64
N GLY B 134 30.85 32.39 -9.11
CA GLY B 134 31.88 31.71 -9.87
C GLY B 134 33.27 32.08 -9.40
N GLY B 135 33.36 33.10 -8.54
CA GLY B 135 34.63 33.56 -8.00
C GLY B 135 35.27 32.60 -7.02
N TRP B 136 36.58 32.72 -6.87
CA TRP B 136 37.34 31.88 -5.95
C TRP B 136 37.71 32.62 -4.66
N ASN B 137 37.82 31.87 -3.58
CA ASN B 137 38.28 32.41 -2.31
C ASN B 137 38.99 31.34 -1.49
N ASP B 138 40.19 31.66 -1.01
CA ASP B 138 40.91 30.71 -0.16
C ASP B 138 40.32 30.74 1.24
N VAL B 139 40.24 29.57 1.86
CA VAL B 139 39.65 29.42 3.18
C VAL B 139 40.43 28.41 4.01
N ALA B 140 40.10 28.30 5.29
CA ALA B 140 40.76 27.33 6.15
C ALA B 140 40.35 25.92 5.73
N CYS B 141 41.32 25.01 5.70
CA CYS B 141 41.08 23.65 5.24
C CYS B 141 40.19 22.84 6.18
N HIS B 142 40.06 23.30 7.42
CA HIS B 142 39.24 22.60 8.40
C HIS B 142 37.76 23.01 8.31
N THR B 143 37.49 23.98 7.44
CA THR B 143 36.12 24.39 7.14
C THR B 143 35.32 23.24 6.54
N THR B 144 34.03 23.16 6.88
CA THR B 144 33.16 22.10 6.38
C THR B 144 32.09 22.67 5.45
N MET B 145 32.02 22.13 4.24
CA MET B 145 31.03 22.56 3.26
C MET B 145 30.84 21.51 2.19
N TYR B 146 29.86 21.71 1.31
CA TYR B 146 29.66 20.82 0.18
C TYR B 146 30.85 20.91 -0.77
N PHE B 147 30.94 19.96 -1.70
CA PHE B 147 32.05 19.95 -2.64
C PHE B 147 31.62 19.40 -3.99
N MET B 148 32.45 19.62 -5.00
CA MET B 148 32.13 19.20 -6.36
C MET B 148 33.23 18.32 -6.92
N CYS B 149 32.85 17.16 -7.44
CA CYS B 149 33.82 16.22 -7.99
C CYS B 149 33.87 16.30 -9.51
N GLU B 150 35.04 16.01 -10.04
CA GLU B 150 35.25 15.98 -11.49
C GLU B 150 35.77 14.61 -11.91
N PHE B 151 35.23 14.09 -13.01
CA PHE B 151 35.64 12.79 -13.52
C PHE B 151 36.11 12.89 -14.97
N ASP B 152 37.24 12.25 -15.27
CA ASP B 152 37.74 12.21 -16.64
C ASP B 152 37.11 11.03 -17.36
N LYS B 153 36.51 11.31 -18.52
CA LYS B 153 35.82 10.26 -19.27
C LYS B 153 36.77 9.25 -19.91
N GLU B 154 38.07 9.41 -19.64
CA GLU B 154 39.06 8.48 -20.16
C GLU B 154 40.26 8.36 -19.22
N GLN C 2 30.15 -6.30 -43.89
CA GLN C 2 29.28 -5.19 -43.49
C GLN C 2 28.52 -5.50 -42.21
N LEU C 3 28.16 -6.76 -42.05
CA LEU C 3 27.44 -7.23 -40.87
C LEU C 3 28.32 -7.23 -39.62
N ARG C 4 29.60 -7.58 -39.79
CA ARG C 4 30.54 -7.59 -38.69
C ARG C 4 30.83 -6.19 -38.18
N LYS C 5 30.77 -5.21 -39.08
CA LYS C 5 30.96 -3.81 -38.71
C LYS C 5 29.80 -3.31 -37.85
N ALA C 6 28.59 -3.65 -38.26
CA ALA C 6 27.39 -3.29 -37.51
C ALA C 6 27.36 -3.94 -36.13
N ILE C 7 27.82 -5.19 -36.07
CA ILE C 7 27.90 -5.90 -34.79
C ILE C 7 28.89 -5.21 -33.87
N GLY C 8 30.03 -4.84 -34.42
CA GLY C 8 31.04 -4.13 -33.66
C GLY C 8 30.56 -2.76 -33.21
N GLU C 9 29.72 -2.14 -34.04
CA GLU C 9 29.15 -0.83 -33.72
C GLU C 9 28.13 -0.96 -32.59
N MET C 10 27.37 -2.04 -32.60
CA MET C 10 26.40 -2.30 -31.54
C MET C 10 27.13 -2.62 -30.23
N ASP C 11 28.30 -3.22 -30.35
CA ASP C 11 29.13 -3.53 -29.18
C ASP C 11 29.62 -2.25 -28.50
N ASN C 12 30.03 -1.27 -29.28
CA ASN C 12 30.48 0.01 -28.74
C ASN C 12 29.37 0.75 -28.02
N GLN C 13 28.16 0.71 -28.60
CA GLN C 13 27.02 1.36 -27.98
C GLN C 13 26.68 0.74 -26.63
N VAL C 14 26.62 -0.60 -26.62
CA VAL C 14 26.32 -1.34 -25.41
C VAL C 14 27.38 -1.18 -24.33
N SER C 15 28.65 -1.18 -24.72
CA SER C 15 29.74 -0.99 -23.79
C SER C 15 29.70 0.42 -23.18
N GLN C 16 29.33 1.39 -23.99
CA GLN C 16 29.19 2.77 -23.53
C GLN C 16 28.06 2.89 -22.51
N LEU C 17 26.93 2.25 -22.80
CA LEU C 17 25.80 2.24 -21.89
C LEU C 17 26.16 1.57 -20.57
N THR C 18 26.92 0.47 -20.65
CA THR C 18 27.39 -0.24 -19.47
C THR C 18 28.31 0.63 -18.62
N SER C 19 29.18 1.39 -19.30
CA SER C 19 30.12 2.26 -18.62
C SER C 19 29.40 3.38 -17.87
N GLU C 20 28.43 3.99 -18.53
CA GLU C 20 27.67 5.07 -17.90
C GLU C 20 26.86 4.54 -16.73
N LEU C 21 26.31 3.33 -16.90
CA LEU C 21 25.54 2.67 -15.85
C LEU C 21 26.44 2.37 -14.66
N LYS C 22 27.69 1.98 -14.95
CA LYS C 22 28.68 1.73 -13.92
C LYS C 22 28.96 2.98 -13.10
N PHE C 23 29.09 4.10 -13.80
CA PHE C 23 29.34 5.39 -13.16
C PHE C 23 28.23 5.78 -12.19
N ILE C 24 26.98 5.65 -12.64
CA ILE C 24 25.84 5.98 -11.80
C ILE C 24 25.73 5.07 -10.58
N LYS C 25 25.94 3.78 -10.81
CA LYS C 25 25.86 2.79 -9.74
C LYS C 25 26.92 3.02 -8.66
N ASN C 26 28.16 3.27 -9.09
CA ASN C 26 29.28 3.37 -8.16
C ASN C 26 29.58 4.78 -7.68
N ALA C 27 29.83 5.69 -8.62
CA ALA C 27 30.27 7.03 -8.27
C ALA C 27 29.16 7.88 -7.64
N VAL C 28 27.92 7.67 -8.09
CA VAL C 28 26.80 8.49 -7.63
C VAL C 28 26.02 7.82 -6.49
N ALA C 29 25.49 6.63 -6.75
CA ALA C 29 24.65 5.93 -5.78
C ALA C 29 25.45 5.38 -4.61
N GLY C 30 26.74 5.16 -4.85
CA GLY C 30 27.63 4.65 -3.81
C GLY C 30 27.24 3.28 -3.30
N VAL C 31 26.88 2.41 -4.24
CA VAL C 31 26.44 1.06 -3.90
C VAL C 31 27.66 0.14 -3.86
N ARG C 32 27.59 -0.92 -3.05
CA ARG C 32 28.68 -1.87 -2.98
C ARG C 32 28.28 -3.22 -3.56
N GLU C 33 29.25 -3.88 -4.17
CA GLU C 33 28.99 -5.07 -4.97
C GLU C 33 30.07 -6.13 -4.82
N THR C 34 29.64 -7.39 -4.70
CA THR C 34 30.57 -8.51 -4.78
C THR C 34 30.37 -9.20 -6.13
N GLU C 35 30.83 -10.44 -6.25
CA GLU C 35 30.67 -11.17 -7.50
C GLU C 35 29.29 -11.81 -7.58
N SER C 36 28.64 -11.96 -6.43
CA SER C 36 27.34 -12.62 -6.37
C SER C 36 26.22 -11.73 -5.82
N LYS C 37 26.58 -10.66 -5.13
CA LYS C 37 25.56 -9.85 -4.46
C LYS C 37 25.83 -8.34 -4.52
N ILE C 38 24.75 -7.56 -4.40
CA ILE C 38 24.84 -6.11 -4.33
C ILE C 38 24.31 -5.60 -2.99
N TYR C 39 25.00 -4.62 -2.42
CA TYR C 39 24.61 -4.08 -1.12
C TYR C 39 24.19 -2.63 -1.22
N LEU C 40 23.09 -2.28 -0.55
CA LEU C 40 22.55 -0.93 -0.59
C LEU C 40 22.23 -0.42 0.81
N LEU C 41 22.84 0.72 1.16
CA LEU C 41 22.57 1.36 2.43
C LEU C 41 21.34 2.26 2.29
N VAL C 42 20.29 1.96 3.05
CA VAL C 42 19.08 2.78 3.03
C VAL C 42 19.02 3.66 4.27
N LYS C 43 19.13 4.97 4.07
CA LYS C 43 19.19 5.90 5.19
C LYS C 43 17.80 6.39 5.60
N GLU C 44 16.93 5.45 5.93
CA GLU C 44 15.62 5.77 6.50
C GLU C 44 15.45 4.99 7.79
N GLU C 45 15.25 5.70 8.89
CA GLU C 45 15.10 5.06 10.19
C GLU C 45 13.79 4.28 10.27
N LYS C 46 13.91 2.96 10.37
CA LYS C 46 12.77 2.08 10.50
C LYS C 46 13.04 1.00 11.54
N ARG C 47 12.00 0.31 11.98
CA ARG C 47 12.18 -0.84 12.85
C ARG C 47 12.44 -2.08 12.00
N TYR C 48 12.90 -3.16 12.64
CA TYR C 48 13.38 -4.34 11.93
C TYR C 48 12.36 -4.89 10.94
N ALA C 49 11.11 -5.04 11.39
CA ALA C 49 10.05 -5.58 10.55
C ALA C 49 9.80 -4.71 9.31
N ASP C 50 9.82 -3.39 9.52
CA ASP C 50 9.62 -2.44 8.43
C ASP C 50 10.81 -2.38 7.49
N ALA C 51 12.01 -2.52 8.06
CA ALA C 51 13.24 -2.53 7.28
C ALA C 51 13.26 -3.73 6.32
N GLN C 52 12.92 -4.90 6.85
CA GLN C 52 12.90 -6.11 6.04
C GLN C 52 11.86 -6.04 4.93
N LEU C 53 10.69 -5.50 5.26
CA LEU C 53 9.61 -5.32 4.29
C LEU C 53 10.06 -4.37 3.18
N SER C 54 10.79 -3.33 3.57
CA SER C 54 11.32 -2.36 2.62
C SER C 54 12.33 -3.00 1.67
N CYS C 55 13.21 -3.84 2.21
CA CYS C 55 14.22 -4.53 1.41
C CYS C 55 13.61 -5.47 0.38
N GLN C 56 12.58 -6.21 0.79
CA GLN C 56 11.91 -7.14 -0.13
C GLN C 56 11.13 -6.36 -1.17
N GLY C 57 10.62 -5.18 -0.78
CA GLY C 57 9.89 -4.33 -1.70
C GLY C 57 10.78 -3.87 -2.85
N ARG C 58 12.09 -3.80 -2.61
CA ARG C 58 13.03 -3.45 -3.68
C ARG C 58 13.57 -4.70 -4.37
N GLY C 59 13.14 -5.87 -3.89
CA GLY C 59 13.53 -7.12 -4.49
C GLY C 59 14.71 -7.82 -3.84
N GLY C 60 14.96 -7.49 -2.57
CA GLY C 60 16.06 -8.09 -1.84
C GLY C 60 15.70 -8.39 -0.39
N THR C 61 16.70 -8.48 0.46
CA THR C 61 16.48 -8.68 1.89
C THR C 61 17.56 -7.98 2.71
N LEU C 62 17.37 -7.95 4.02
CA LEU C 62 18.36 -7.40 4.94
C LEU C 62 19.68 -8.16 4.78
N SER C 63 20.80 -7.43 4.80
CA SER C 63 22.11 -8.00 4.54
C SER C 63 22.42 -9.22 5.38
N MET C 64 23.03 -10.24 4.76
CA MET C 64 23.35 -11.48 5.45
C MET C 64 24.83 -11.82 5.30
N PRO C 65 25.68 -11.23 6.17
CA PRO C 65 27.11 -11.54 6.15
C PRO C 65 27.40 -12.99 6.58
N LYS C 66 27.54 -13.87 5.60
CA LYS C 66 27.77 -15.29 5.87
C LYS C 66 29.25 -15.65 5.84
N ASP C 67 30.09 -14.69 5.46
CA ASP C 67 31.53 -14.90 5.44
C ASP C 67 32.28 -13.60 5.77
N GLU C 68 33.59 -13.72 5.94
CA GLU C 68 34.43 -12.59 6.33
C GLU C 68 34.43 -11.48 5.28
N ALA C 69 34.44 -11.88 4.01
CA ALA C 69 34.50 -10.93 2.90
C ALA C 69 33.27 -10.04 2.85
N ALA C 70 32.10 -10.65 2.92
CA ALA C 70 30.84 -9.90 2.93
C ALA C 70 30.76 -8.96 4.12
N ASN C 71 31.12 -9.47 5.29
CA ASN C 71 31.09 -8.68 6.52
C ASN C 71 32.03 -7.48 6.46
N GLY C 72 33.21 -7.70 5.89
CA GLY C 72 34.20 -6.64 5.75
C GLY C 72 33.73 -5.55 4.82
N LEU C 73 33.11 -5.95 3.71
CA LEU C 73 32.57 -5.01 2.74
C LEU C 73 31.50 -4.13 3.34
N MET C 74 30.59 -4.75 4.10
CA MET C 74 29.52 -4.02 4.76
C MET C 74 30.08 -3.00 5.74
N ALA C 75 31.11 -3.40 6.48
CA ALA C 75 31.75 -2.52 7.46
C ALA C 75 32.37 -1.31 6.78
N ALA C 76 33.08 -1.54 5.67
CA ALA C 76 33.68 -0.45 4.91
C ALA C 76 32.59 0.47 4.36
N TYR C 77 31.49 -0.14 3.92
CA TYR C 77 30.34 0.60 3.44
C TYR C 77 29.83 1.52 4.55
N LEU C 78 29.70 0.95 5.75
CA LEU C 78 29.27 1.70 6.92
C LEU C 78 30.25 2.85 7.25
N ALA C 79 31.53 2.53 7.21
CA ALA C 79 32.58 3.50 7.52
C ALA C 79 32.52 4.66 6.54
N GLN C 80 32.43 4.31 5.26
CA GLN C 80 32.36 5.30 4.18
C GLN C 80 31.12 6.19 4.28
N ALA C 81 30.03 5.65 4.79
CA ALA C 81 28.78 6.39 4.93
C ALA C 81 28.74 7.22 6.20
N GLY C 82 29.71 7.01 7.08
CA GLY C 82 29.79 7.73 8.34
C GLY C 82 28.74 7.30 9.34
N LEU C 83 28.27 6.05 9.22
CA LEU C 83 27.22 5.55 10.10
C LEU C 83 27.80 4.73 11.25
N ALA C 84 27.13 4.79 12.40
CA ALA C 84 27.56 4.07 13.58
C ALA C 84 26.95 2.68 13.65
N ARG C 85 25.75 2.53 13.10
CA ARG C 85 25.02 1.26 13.20
C ARG C 85 23.93 1.13 12.14
N VAL C 86 23.66 -0.11 11.74
CA VAL C 86 22.55 -0.41 10.84
C VAL C 86 21.94 -1.77 11.17
N PHE C 87 20.66 -1.95 10.85
CA PHE C 87 20.04 -3.26 10.94
C PHE C 87 20.62 -4.21 9.89
N ILE C 88 20.79 -5.47 10.26
CA ILE C 88 21.18 -6.49 9.29
C ILE C 88 20.27 -7.72 9.42
N GLY C 89 20.41 -8.65 8.49
CA GLY C 89 19.50 -9.78 8.40
C GLY C 89 19.81 -10.97 9.31
N ILE C 90 19.79 -10.74 10.62
CA ILE C 90 19.96 -11.82 11.58
C ILE C 90 19.03 -11.64 12.78
N ASN C 91 18.40 -12.73 13.21
CA ASN C 91 17.46 -12.68 14.32
C ASN C 91 17.20 -14.04 14.97
N ASP C 92 16.64 -14.01 16.18
CA ASP C 92 16.17 -15.21 16.86
C ASP C 92 14.77 -14.98 17.42
N LEU C 93 13.89 -14.39 16.61
CA LEU C 93 12.55 -14.00 17.06
C LEU C 93 11.67 -15.17 17.49
N GLU C 94 11.68 -16.25 16.72
CA GLU C 94 10.77 -17.37 16.97
C GLU C 94 11.33 -18.35 18.01
N LYS C 95 12.66 -18.41 18.13
CA LYS C 95 13.27 -19.25 19.15
C LYS C 95 14.53 -18.60 19.71
N GLU C 96 14.49 -18.38 21.03
CA GLU C 96 15.54 -17.68 21.74
C GLU C 96 16.89 -18.40 21.67
N GLY C 97 17.92 -17.67 21.26
CA GLY C 97 19.27 -18.22 21.18
C GLY C 97 19.59 -18.90 19.87
N ALA C 98 18.56 -19.19 19.08
CA ALA C 98 18.75 -19.83 17.79
C ALA C 98 18.66 -18.79 16.68
N PHE C 99 19.80 -18.18 16.36
CA PHE C 99 19.82 -17.10 15.38
C PHE C 99 19.82 -17.63 13.95
N VAL C 100 19.07 -16.96 13.09
CA VAL C 100 18.99 -17.31 11.68
C VAL C 100 19.10 -16.06 10.82
N TYR C 101 19.41 -16.25 9.54
CA TYR C 101 19.47 -15.13 8.61
C TYR C 101 18.08 -14.80 8.10
N SER C 102 17.98 -13.72 7.33
CA SER C 102 16.69 -13.28 6.80
C SER C 102 16.08 -14.30 5.85
N ASP C 103 16.92 -15.15 5.26
CA ASP C 103 16.45 -16.20 4.36
C ASP C 103 16.12 -17.48 5.13
N HIS C 104 16.04 -17.38 6.45
CA HIS C 104 15.73 -18.52 7.32
C HIS C 104 16.86 -19.55 7.34
N SER C 105 17.99 -19.22 6.73
CA SER C 105 19.16 -20.09 6.80
C SER C 105 19.79 -20.06 8.19
N PRO C 106 20.23 -21.24 8.67
CA PRO C 106 20.74 -21.37 10.04
C PRO C 106 22.08 -20.67 10.23
N MET C 107 22.36 -20.27 11.48
CA MET C 107 23.66 -19.70 11.83
C MET C 107 24.74 -20.78 11.75
N ARG C 108 25.96 -20.38 11.40
CA ARG C 108 27.05 -21.34 11.28
C ARG C 108 28.29 -20.91 12.05
N THR C 109 29.43 -21.52 11.70
CA THR C 109 30.69 -21.29 12.40
C THR C 109 31.11 -19.83 12.36
N PHE C 110 31.04 -19.22 11.18
CA PHE C 110 31.41 -17.82 11.03
C PHE C 110 30.46 -16.89 11.77
N ASN C 111 31.03 -15.95 12.52
CA ASN C 111 30.25 -14.90 13.17
C ASN C 111 31.12 -13.69 13.50
N LYS C 112 30.48 -12.56 13.76
CA LYS C 112 31.17 -11.34 14.18
C LYS C 112 30.55 -10.70 15.40
N TRP C 113 30.10 -11.53 16.34
CA TRP C 113 29.53 -11.02 17.59
C TRP C 113 30.56 -10.18 18.32
N ARG C 114 30.15 -9.01 18.80
CA ARG C 114 31.04 -8.24 19.65
C ARG C 114 31.25 -9.02 20.94
N SER C 115 32.32 -8.71 21.66
CA SER C 115 32.63 -9.40 22.89
C SER C 115 31.45 -9.27 23.86
N GLY C 116 30.97 -10.41 24.36
CA GLY C 116 29.84 -10.40 25.27
C GLY C 116 28.48 -10.52 24.59
N GLU C 117 28.47 -10.52 23.27
CA GLU C 117 27.22 -10.64 22.52
C GLU C 117 27.11 -12.02 21.86
N PRO C 118 25.88 -12.50 21.64
CA PRO C 118 24.60 -11.86 21.99
C PRO C 118 24.23 -12.08 23.45
N ASN C 119 23.71 -11.05 24.11
CA ASN C 119 23.41 -11.15 25.53
C ASN C 119 21.91 -11.15 25.84
N ASN C 120 21.10 -10.85 24.83
CA ASN C 120 19.65 -10.80 24.98
C ASN C 120 19.25 -9.91 26.15
N ALA C 121 19.77 -8.68 26.15
CA ALA C 121 19.59 -7.76 27.27
C ALA C 121 18.12 -7.57 27.65
N TYR C 122 17.81 -7.85 28.91
CA TYR C 122 16.47 -7.68 29.45
C TYR C 122 15.41 -8.55 28.75
N ASP C 123 15.87 -9.59 28.08
CA ASP C 123 14.98 -10.53 27.39
C ASP C 123 14.10 -9.83 26.35
N GLU C 124 14.67 -8.85 25.65
CA GLU C 124 13.92 -8.07 24.68
C GLU C 124 14.70 -7.82 23.40
N GLU C 125 15.79 -8.57 23.21
CA GLU C 125 16.64 -8.38 22.04
C GLU C 125 16.65 -9.62 21.16
N ASP C 126 15.95 -9.53 20.03
CA ASP C 126 15.84 -10.66 19.11
C ASP C 126 16.28 -10.31 17.69
N CYS C 127 16.80 -9.10 17.51
CA CYS C 127 17.30 -8.67 16.22
C CYS C 127 18.78 -8.32 16.31
N VAL C 128 19.40 -8.05 15.16
CA VAL C 128 20.85 -7.82 15.13
C VAL C 128 21.24 -6.55 14.38
N GLU C 129 22.16 -5.80 14.97
CA GLU C 129 22.71 -4.62 14.33
C GLU C 129 24.19 -4.83 14.03
N MET C 130 24.70 -4.15 13.00
CA MET C 130 26.13 -4.09 12.78
C MET C 130 26.65 -2.71 13.14
N VAL C 131 27.76 -2.67 13.88
CA VAL C 131 28.38 -1.41 14.25
C VAL C 131 29.54 -1.11 13.30
N ALA C 132 30.06 0.12 13.39
CA ALA C 132 31.06 0.60 12.44
C ALA C 132 32.28 -0.31 12.34
N SER C 133 32.64 -0.93 13.45
CA SER C 133 33.78 -1.85 13.47
C SER C 133 33.50 -3.09 12.64
N GLY C 134 32.21 -3.38 12.43
CA GLY C 134 31.80 -4.57 11.71
C GLY C 134 31.22 -5.63 12.63
N GLY C 135 31.32 -5.40 13.93
CA GLY C 135 30.82 -6.34 14.92
C GLY C 135 29.30 -6.41 14.97
N TRP C 136 28.79 -7.54 15.47
CA TRP C 136 27.34 -7.73 15.62
C TRP C 136 26.90 -7.55 17.07
N ASN C 137 25.66 -7.08 17.23
CA ASN C 137 25.08 -6.92 18.56
C ASN C 137 23.57 -7.13 18.48
N ASP C 138 23.02 -7.99 19.33
CA ASP C 138 21.58 -8.20 19.34
C ASP C 138 20.90 -7.05 20.07
N VAL C 139 19.75 -6.61 19.53
CA VAL C 139 19.02 -5.48 20.07
C VAL C 139 17.51 -5.71 19.98
N ALA C 140 16.74 -4.82 20.60
CA ALA C 140 15.28 -4.91 20.53
C ALA C 140 14.80 -4.63 19.11
N CYS C 141 13.84 -5.43 18.66
CA CYS C 141 13.33 -5.32 17.29
C CYS C 141 12.53 -4.04 17.07
N HIS C 142 12.09 -3.42 18.15
CA HIS C 142 11.31 -2.19 18.04
C HIS C 142 12.22 -0.97 17.94
N THR C 143 13.53 -1.20 18.03
CA THR C 143 14.51 -0.14 17.83
C THR C 143 14.42 0.41 16.41
N THR C 144 14.64 1.71 16.26
CA THR C 144 14.57 2.36 14.96
C THR C 144 15.93 2.84 14.52
N MET C 145 16.36 2.39 13.34
CA MET C 145 17.65 2.79 12.80
C MET C 145 17.73 2.55 11.29
N TYR C 146 18.83 2.99 10.69
CA TYR C 146 19.10 2.72 9.28
C TYR C 146 19.31 1.22 9.06
N PHE C 147 19.28 0.79 7.81
CA PHE C 147 19.47 -0.62 7.51
C PHE C 147 20.15 -0.84 6.17
N MET C 148 20.60 -2.06 5.92
CA MET C 148 21.30 -2.37 4.69
C MET C 148 20.61 -3.53 3.97
N CYS C 149 20.32 -3.34 2.70
CA CYS C 149 19.66 -4.37 1.90
C CYS C 149 20.68 -5.11 1.06
N GLU C 150 20.40 -6.39 0.80
CA GLU C 150 21.26 -7.23 -0.02
C GLU C 150 20.47 -7.79 -1.19
N PHE C 151 21.09 -7.78 -2.37
CA PHE C 151 20.43 -8.25 -3.58
C PHE C 151 21.22 -9.37 -4.26
N ASP C 152 20.50 -10.41 -4.66
CA ASP C 152 21.08 -11.54 -5.37
C ASP C 152 21.11 -11.26 -6.88
N LYS C 153 22.29 -11.47 -7.47
CA LYS C 153 22.51 -11.19 -8.89
C LYS C 153 21.78 -12.16 -9.81
N GLU C 154 20.94 -13.02 -9.22
CA GLU C 154 20.15 -13.96 -9.98
C GLU C 154 18.79 -13.38 -10.33
N SER D 1 -43.23 28.54 1.02
CA SER D 1 -44.01 27.78 0.05
C SER D 1 -43.91 26.28 0.31
N GLN D 2 -45.03 25.58 0.12
CA GLN D 2 -45.10 24.15 0.34
C GLN D 2 -44.24 23.37 -0.66
N LEU D 3 -44.15 23.87 -1.89
CA LEU D 3 -43.36 23.22 -2.91
C LEU D 3 -41.87 23.31 -2.57
N ARG D 4 -41.47 24.44 -1.99
CA ARG D 4 -40.10 24.63 -1.52
C ARG D 4 -39.78 23.71 -0.35
N LYS D 5 -40.80 23.47 0.48
CA LYS D 5 -40.68 22.60 1.63
C LYS D 5 -40.51 21.13 1.24
N ALA D 6 -41.34 20.66 0.33
CA ALA D 6 -41.27 19.29 -0.15
C ALA D 6 -39.97 19.02 -0.90
N ILE D 7 -39.54 19.98 -1.71
CA ILE D 7 -38.29 19.86 -2.43
C ILE D 7 -37.10 19.82 -1.49
N GLY D 8 -37.11 20.68 -0.47
CA GLY D 8 -36.05 20.70 0.51
C GLY D 8 -36.02 19.42 1.33
N GLU D 9 -37.20 18.84 1.54
CA GLU D 9 -37.31 17.60 2.29
C GLU D 9 -36.78 16.44 1.45
N MET D 10 -37.04 16.47 0.15
CA MET D 10 -36.54 15.44 -0.75
C MET D 10 -35.02 15.55 -0.87
N ASP D 11 -34.52 16.78 -0.77
CA ASP D 11 -33.08 17.04 -0.81
C ASP D 11 -32.38 16.44 0.40
N ASN D 12 -32.97 16.62 1.57
CA ASN D 12 -32.42 16.06 2.81
C ASN D 12 -32.40 14.54 2.77
N GLN D 13 -33.46 13.98 2.20
CA GLN D 13 -33.59 12.54 2.05
C GLN D 13 -32.49 12.00 1.15
N VAL D 14 -32.26 12.67 0.01
CA VAL D 14 -31.24 12.27 -0.93
C VAL D 14 -29.83 12.37 -0.35
N SER D 15 -29.56 13.45 0.39
CA SER D 15 -28.26 13.64 1.03
C SER D 15 -28.03 12.57 2.10
N GLN D 16 -29.11 12.21 2.81
CA GLN D 16 -29.04 11.17 3.83
C GLN D 16 -28.73 9.80 3.23
N LEU D 17 -29.40 9.47 2.14
CA LEU D 17 -29.16 8.21 1.44
C LEU D 17 -27.73 8.14 0.93
N THR D 18 -27.21 9.27 0.45
CA THR D 18 -25.85 9.35 -0.03
C THR D 18 -24.86 9.05 1.09
N SER D 19 -25.13 9.62 2.27
CA SER D 19 -24.28 9.45 3.43
C SER D 19 -24.29 8.01 3.94
N GLU D 20 -25.48 7.43 4.05
CA GLU D 20 -25.64 6.06 4.54
C GLU D 20 -25.06 5.03 3.57
N LEU D 21 -25.24 5.27 2.28
CA LEU D 21 -24.73 4.37 1.25
C LEU D 21 -23.20 4.33 1.28
N LYS D 22 -22.59 5.51 1.47
CA LYS D 22 -21.14 5.61 1.61
C LYS D 22 -20.60 4.87 2.82
N PHE D 23 -21.32 4.98 3.94
CA PHE D 23 -20.96 4.30 5.18
C PHE D 23 -20.94 2.79 5.00
N ILE D 24 -21.99 2.26 4.37
CA ILE D 24 -22.10 0.83 4.14
C ILE D 24 -20.98 0.29 3.23
N LYS D 25 -20.67 1.04 2.17
CA LYS D 25 -19.62 0.65 1.24
C LYS D 25 -18.24 0.61 1.90
N ASN D 26 -17.95 1.63 2.71
CA ASN D 26 -16.63 1.79 3.29
C ASN D 26 -16.49 1.16 4.68
N ALA D 27 -17.35 1.56 5.61
CA ALA D 27 -17.25 1.12 6.99
C ALA D 27 -17.63 -0.35 7.16
N VAL D 28 -18.61 -0.80 6.39
CA VAL D 28 -19.11 -2.16 6.54
C VAL D 28 -18.49 -3.12 5.53
N ALA D 29 -18.70 -2.85 4.24
CA ALA D 29 -18.22 -3.74 3.19
C ALA D 29 -16.71 -3.60 2.98
N GLY D 30 -16.17 -2.43 3.32
CA GLY D 30 -14.74 -2.20 3.22
C GLY D 30 -14.18 -2.34 1.82
N VAL D 31 -14.91 -1.82 0.83
CA VAL D 31 -14.50 -1.95 -0.56
C VAL D 31 -13.55 -0.82 -0.94
N ARG D 32 -12.70 -1.06 -1.94
CA ARG D 32 -11.80 -0.03 -2.42
C ARG D 32 -12.24 0.40 -3.81
N GLU D 33 -12.07 1.68 -4.10
CA GLU D 33 -12.65 2.24 -5.32
C GLU D 33 -11.77 3.29 -6.00
N THR D 34 -11.64 3.19 -7.31
CA THR D 34 -11.02 4.23 -8.11
C THR D 34 -12.11 4.94 -8.89
N GLU D 35 -11.72 5.66 -9.95
CA GLU D 35 -12.71 6.37 -10.75
C GLU D 35 -13.32 5.44 -11.80
N SER D 36 -12.63 4.33 -12.07
CA SER D 36 -13.07 3.40 -13.11
C SER D 36 -13.37 1.99 -12.60
N LYS D 37 -12.87 1.64 -11.42
CA LYS D 37 -13.03 0.28 -10.94
C LYS D 37 -13.33 0.18 -9.43
N ILE D 38 -13.98 -0.91 -9.06
CA ILE D 38 -14.23 -1.23 -7.66
C ILE D 38 -13.58 -2.56 -7.29
N TYR D 39 -12.98 -2.62 -6.11
CA TYR D 39 -12.32 -3.83 -5.65
C TYR D 39 -13.01 -4.36 -4.40
N LEU D 40 -13.21 -5.68 -4.36
CA LEU D 40 -13.88 -6.32 -3.24
C LEU D 40 -13.12 -7.54 -2.73
N LEU D 41 -12.80 -7.53 -1.44
CA LEU D 41 -12.15 -8.68 -0.81
C LEU D 41 -13.20 -9.68 -0.34
N VAL D 42 -13.16 -10.89 -0.88
CA VAL D 42 -14.09 -11.94 -0.50
C VAL D 42 -13.39 -12.96 0.40
N LYS D 43 -13.81 -13.01 1.65
CA LYS D 43 -13.16 -13.87 2.64
C LYS D 43 -13.82 -15.24 2.70
N GLU D 44 -13.82 -15.93 1.56
CA GLU D 44 -14.28 -17.30 1.45
C GLU D 44 -13.20 -18.14 0.75
N GLU D 45 -12.70 -19.16 1.44
CA GLU D 45 -11.65 -20.00 0.88
C GLU D 45 -12.19 -20.83 -0.29
N LYS D 46 -11.69 -20.56 -1.48
CA LYS D 46 -12.10 -21.29 -2.67
C LYS D 46 -10.90 -21.63 -3.55
N ARG D 47 -11.09 -22.53 -4.51
CA ARG D 47 -10.03 -22.78 -5.49
C ARG D 47 -10.19 -21.76 -6.62
N TYR D 48 -9.16 -21.64 -7.45
CA TYR D 48 -9.12 -20.57 -8.46
C TYR D 48 -10.36 -20.55 -9.33
N ALA D 49 -10.75 -21.73 -9.82
CA ALA D 49 -11.92 -21.84 -10.68
C ALA D 49 -13.19 -21.37 -9.96
N ASP D 50 -13.34 -21.74 -8.70
CA ASP D 50 -14.51 -21.35 -7.92
C ASP D 50 -14.47 -19.86 -7.55
N ALA D 51 -13.27 -19.35 -7.29
CA ALA D 51 -13.10 -17.94 -6.99
C ALA D 51 -13.52 -17.09 -8.18
N GLN D 52 -13.06 -17.48 -9.36
CA GLN D 52 -13.39 -16.76 -10.60
C GLN D 52 -14.90 -16.82 -10.88
N LEU D 53 -15.50 -17.99 -10.68
CA LEU D 53 -16.93 -18.16 -10.85
C LEU D 53 -17.71 -17.27 -9.89
N SER D 54 -17.22 -17.16 -8.66
CA SER D 54 -17.85 -16.32 -7.66
C SER D 54 -17.78 -14.85 -8.07
N CYS D 55 -16.63 -14.44 -8.59
CA CYS D 55 -16.45 -13.06 -9.06
C CYS D 55 -17.37 -12.76 -10.24
N GLN D 56 -17.52 -13.72 -11.14
CA GLN D 56 -18.39 -13.57 -12.30
C GLN D 56 -19.86 -13.52 -11.90
N GLY D 57 -20.21 -14.30 -10.89
CA GLY D 57 -21.58 -14.33 -10.38
C GLY D 57 -21.98 -13.00 -9.78
N ARG D 58 -20.98 -12.25 -9.30
CA ARG D 58 -21.22 -10.95 -8.68
C ARG D 58 -21.15 -9.84 -9.72
N GLY D 59 -20.82 -10.21 -10.95
CA GLY D 59 -20.75 -9.27 -12.07
C GLY D 59 -19.36 -8.72 -12.37
N GLY D 60 -18.33 -9.45 -11.95
CA GLY D 60 -16.96 -9.05 -12.20
C GLY D 60 -16.02 -10.19 -12.51
N THR D 61 -14.73 -9.99 -12.26
CA THR D 61 -13.71 -11.02 -12.42
C THR D 61 -12.63 -10.84 -11.37
N LEU D 62 -11.75 -11.82 -11.25
CA LEU D 62 -10.62 -11.71 -10.33
C LEU D 62 -9.75 -10.51 -10.72
N SER D 63 -9.29 -9.77 -9.71
CA SER D 63 -8.56 -8.53 -9.91
C SER D 63 -7.40 -8.65 -10.90
N MET D 64 -7.22 -7.63 -11.73
CA MET D 64 -6.19 -7.64 -12.76
C MET D 64 -5.27 -6.42 -12.66
N PRO D 65 -4.25 -6.49 -11.79
CA PRO D 65 -3.28 -5.40 -11.63
C PRO D 65 -2.45 -5.20 -12.89
N LYS D 66 -2.87 -4.27 -13.74
CA LYS D 66 -2.18 -4.04 -15.00
C LYS D 66 -1.19 -2.89 -14.93
N ASP D 67 -1.16 -2.20 -13.79
CA ASP D 67 -0.20 -1.13 -13.58
C ASP D 67 0.19 -1.01 -12.11
N GLU D 68 1.18 -0.17 -11.82
CA GLU D 68 1.70 -0.01 -10.47
C GLU D 68 0.64 0.55 -9.53
N ALA D 69 -0.18 1.46 -10.03
CA ALA D 69 -1.21 2.10 -9.20
C ALA D 69 -2.23 1.08 -8.72
N ALA D 70 -2.74 0.28 -9.65
CA ALA D 70 -3.71 -0.76 -9.31
C ALA D 70 -3.11 -1.80 -8.36
N ASN D 71 -1.88 -2.22 -8.65
CA ASN D 71 -1.21 -3.20 -7.80
C ASN D 71 -0.99 -2.66 -6.39
N GLY D 72 -0.63 -1.39 -6.29
CA GLY D 72 -0.42 -0.76 -5.01
C GLY D 72 -1.71 -0.68 -4.23
N LEU D 73 -2.79 -0.33 -4.92
CA LEU D 73 -4.11 -0.25 -4.30
C LEU D 73 -4.54 -1.59 -3.73
N MET D 74 -4.39 -2.64 -4.52
CA MET D 74 -4.73 -3.99 -4.09
C MET D 74 -3.89 -4.44 -2.89
N ALA D 75 -2.59 -4.14 -2.93
CA ALA D 75 -1.70 -4.50 -1.84
C ALA D 75 -2.13 -3.84 -0.53
N ALA D 76 -2.46 -2.55 -0.60
CA ALA D 76 -2.91 -1.81 0.58
C ALA D 76 -4.20 -2.39 1.12
N TYR D 77 -5.10 -2.77 0.20
CA TYR D 77 -6.35 -3.42 0.57
C TYR D 77 -6.09 -4.69 1.35
N LEU D 78 -5.19 -5.52 0.82
CA LEU D 78 -4.79 -6.77 1.47
C LEU D 78 -4.13 -6.53 2.82
N ALA D 79 -3.22 -5.56 2.86
CA ALA D 79 -2.46 -5.25 4.07
C ALA D 79 -3.37 -4.79 5.21
N GLN D 80 -4.27 -3.86 4.91
CA GLN D 80 -5.18 -3.32 5.90
C GLN D 80 -6.11 -4.40 6.46
N ALA D 81 -6.41 -5.40 5.63
CA ALA D 81 -7.29 -6.49 6.05
C ALA D 81 -6.52 -7.53 6.85
N GLY D 82 -5.21 -7.37 6.91
CA GLY D 82 -4.36 -8.28 7.67
C GLY D 82 -4.22 -9.65 7.04
N LEU D 83 -4.35 -9.71 5.72
CA LEU D 83 -4.24 -10.97 5.00
C LEU D 83 -2.85 -11.17 4.44
N ALA D 84 -2.43 -12.44 4.37
CA ALA D 84 -1.11 -12.79 3.87
C ALA D 84 -1.13 -13.01 2.37
N ARG D 85 -2.26 -13.47 1.86
CA ARG D 85 -2.37 -13.83 0.44
C ARG D 85 -3.82 -13.88 -0.06
N VAL D 86 -3.99 -13.58 -1.35
CA VAL D 86 -5.27 -13.77 -2.02
C VAL D 86 -5.05 -14.15 -3.48
N PHE D 87 -6.01 -14.87 -4.06
CA PHE D 87 -6.01 -15.13 -5.50
C PHE D 87 -6.24 -13.83 -6.28
N ILE D 88 -5.58 -13.70 -7.42
CA ILE D 88 -5.85 -12.59 -8.33
C ILE D 88 -6.02 -13.11 -9.74
N GLY D 89 -6.42 -12.23 -10.66
CA GLY D 89 -6.75 -12.64 -12.02
C GLY D 89 -5.56 -12.78 -12.96
N ILE D 90 -4.65 -13.68 -12.62
CA ILE D 90 -3.51 -13.99 -13.49
C ILE D 90 -3.26 -15.49 -13.53
N ASN D 91 -3.01 -16.01 -14.73
CA ASN D 91 -2.76 -17.44 -14.89
C ASN D 91 -2.04 -17.79 -16.18
N ASP D 92 -1.50 -19.00 -16.25
CA ASP D 92 -0.92 -19.51 -17.49
C ASP D 92 -1.46 -20.91 -17.76
N LEU D 93 -2.76 -21.07 -17.55
CA LEU D 93 -3.43 -22.36 -17.69
C LEU D 93 -3.39 -22.88 -19.13
N GLU D 94 -3.55 -21.98 -20.09
CA GLU D 94 -3.71 -22.40 -21.48
C GLU D 94 -2.36 -22.70 -22.15
N LYS D 95 -1.32 -22.00 -21.74
CA LYS D 95 0.03 -22.29 -22.26
C LYS D 95 1.10 -21.98 -21.21
N GLU D 96 1.90 -22.99 -20.87
CA GLU D 96 2.90 -22.86 -19.82
C GLU D 96 3.89 -21.74 -20.11
N GLY D 97 4.05 -20.84 -19.13
CA GLY D 97 4.97 -19.73 -19.28
C GLY D 97 4.32 -18.53 -19.93
N ALA D 98 3.17 -18.74 -20.55
CA ALA D 98 2.45 -17.66 -21.22
C ALA D 98 1.31 -17.16 -20.33
N PHE D 99 1.61 -16.18 -19.48
CA PHE D 99 0.65 -15.67 -18.52
C PHE D 99 -0.33 -14.68 -19.13
N VAL D 100 -1.59 -14.78 -18.71
CA VAL D 100 -2.63 -13.88 -19.16
C VAL D 100 -3.47 -13.42 -17.98
N TYR D 101 -4.22 -12.33 -18.15
CA TYR D 101 -5.13 -11.87 -17.11
C TYR D 101 -6.47 -12.60 -17.23
N SER D 102 -7.35 -12.36 -16.26
CA SER D 102 -8.65 -13.02 -16.23
C SER D 102 -9.52 -12.63 -17.43
N ASP D 103 -9.23 -11.47 -18.03
CA ASP D 103 -9.97 -11.03 -19.20
C ASP D 103 -9.32 -11.55 -20.48
N HIS D 104 -8.41 -12.51 -20.32
CA HIS D 104 -7.69 -13.12 -21.44
C HIS D 104 -6.76 -12.14 -22.15
N SER D 105 -6.60 -10.94 -21.60
CA SER D 105 -5.61 -10.00 -22.13
C SER D 105 -4.21 -10.47 -21.76
N PRO D 106 -3.26 -10.31 -22.68
CA PRO D 106 -1.90 -10.83 -22.50
C PRO D 106 -1.13 -10.09 -21.40
N MET D 107 -0.16 -10.79 -20.82
CA MET D 107 0.76 -10.20 -19.87
C MET D 107 1.66 -9.20 -20.59
N ARG D 108 2.11 -8.16 -19.88
CA ARG D 108 2.91 -7.13 -20.51
C ARG D 108 4.23 -6.94 -19.78
N THR D 109 4.90 -5.82 -20.06
CA THR D 109 6.21 -5.53 -19.47
C THR D 109 6.10 -5.43 -17.96
N PHE D 110 5.07 -4.74 -17.49
CA PHE D 110 4.83 -4.57 -16.07
C PHE D 110 4.49 -5.90 -15.40
N ASN D 111 5.15 -6.17 -14.28
CA ASN D 111 4.86 -7.33 -13.45
C ASN D 111 5.35 -7.08 -12.04
N LYS D 112 4.88 -7.88 -11.08
CA LYS D 112 5.34 -7.74 -9.71
C LYS D 112 5.78 -9.08 -9.15
N TRP D 113 6.41 -9.89 -10.00
CA TRP D 113 6.89 -11.21 -9.59
C TRP D 113 7.91 -11.10 -8.46
N ARG D 114 7.74 -11.91 -7.43
CA ARG D 114 8.75 -12.01 -6.38
C ARG D 114 10.00 -12.67 -6.95
N SER D 115 11.12 -12.49 -6.27
CA SER D 115 12.38 -13.07 -6.73
C SER D 115 12.25 -14.58 -6.86
N GLY D 116 12.59 -15.09 -8.04
CA GLY D 116 12.51 -16.52 -8.32
C GLY D 116 11.18 -16.94 -8.91
N GLU D 117 10.24 -16.01 -8.99
CA GLU D 117 8.92 -16.31 -9.55
C GLU D 117 8.73 -15.66 -10.92
N PRO D 118 7.88 -16.25 -11.77
CA PRO D 118 7.15 -17.50 -11.50
C PRO D 118 8.02 -18.72 -11.78
N ASN D 119 7.96 -19.73 -10.92
CA ASN D 119 8.85 -20.88 -11.04
C ASN D 119 8.13 -22.16 -11.45
N ASN D 120 6.81 -22.12 -11.49
CA ASN D 120 6.00 -23.28 -11.87
C ASN D 120 6.40 -24.50 -11.04
N ALA D 121 6.43 -24.32 -9.73
CA ALA D 121 6.97 -25.33 -8.83
C ALA D 121 6.37 -26.71 -9.07
N TYR D 122 7.27 -27.65 -9.39
CA TYR D 122 6.89 -29.04 -9.57
C TYR D 122 5.92 -29.22 -10.74
N ASP D 123 5.89 -28.24 -11.64
CA ASP D 123 5.01 -28.27 -12.81
C ASP D 123 3.53 -28.37 -12.43
N GLU D 124 3.14 -27.67 -11.37
CA GLU D 124 1.75 -27.74 -10.90
C GLU D 124 1.20 -26.36 -10.53
N GLU D 125 1.88 -25.30 -10.94
CA GLU D 125 1.44 -23.95 -10.58
C GLU D 125 1.06 -23.12 -11.80
N ASP D 126 -0.24 -22.94 -12.01
CA ASP D 126 -0.75 -22.22 -13.17
C ASP D 126 -1.66 -21.05 -12.79
N CYS D 127 -1.76 -20.78 -11.49
CA CYS D 127 -2.54 -19.64 -11.01
C CYS D 127 -1.64 -18.71 -10.23
N VAL D 128 -2.16 -17.54 -9.85
CA VAL D 128 -1.34 -16.53 -9.20
C VAL D 128 -1.99 -15.99 -7.93
N GLU D 129 -1.17 -15.84 -6.89
CA GLU D 129 -1.60 -15.24 -5.64
C GLU D 129 -0.85 -13.93 -5.43
N MET D 130 -1.46 -12.99 -4.72
CA MET D 130 -0.74 -11.80 -4.27
C MET D 130 -0.48 -11.86 -2.77
N VAL D 131 0.75 -11.55 -2.38
CA VAL D 131 1.11 -11.52 -0.97
C VAL D 131 1.02 -10.08 -0.44
N ALA D 132 1.12 -9.92 0.87
CA ALA D 132 0.95 -8.63 1.53
C ALA D 132 1.89 -7.55 0.99
N SER D 133 3.09 -7.96 0.58
CA SER D 133 4.08 -7.03 0.04
C SER D 133 3.63 -6.43 -1.29
N GLY D 134 2.72 -7.12 -1.96
CA GLY D 134 2.24 -6.68 -3.26
C GLY D 134 2.82 -7.54 -4.38
N GLY D 135 3.79 -8.38 -4.02
CA GLY D 135 4.44 -9.26 -4.98
C GLY D 135 3.54 -10.37 -5.46
N TRP D 136 3.85 -10.92 -6.64
CA TRP D 136 3.09 -12.02 -7.21
C TRP D 136 3.81 -13.35 -7.05
N ASN D 137 3.04 -14.43 -6.94
CA ASN D 137 3.59 -15.77 -6.87
C ASN D 137 2.64 -16.78 -7.51
N ASP D 138 3.16 -17.59 -8.42
CA ASP D 138 2.35 -18.62 -9.04
C ASP D 138 2.18 -19.78 -8.07
N VAL D 139 0.98 -20.36 -8.04
CA VAL D 139 0.66 -21.45 -7.13
C VAL D 139 -0.25 -22.45 -7.82
N ALA D 140 -0.48 -23.58 -7.15
CA ALA D 140 -1.38 -24.60 -7.68
C ALA D 140 -2.81 -24.07 -7.68
N CYS D 141 -3.54 -24.35 -8.76
CA CYS D 141 -4.89 -23.85 -8.92
C CYS D 141 -5.89 -24.50 -7.95
N HIS D 142 -5.53 -25.65 -7.39
CA HIS D 142 -6.42 -26.33 -6.46
C HIS D 142 -6.24 -25.83 -5.02
N THR D 143 -5.28 -24.93 -4.83
CA THR D 143 -5.08 -24.29 -3.54
C THR D 143 -6.32 -23.49 -3.16
N THR D 144 -6.67 -23.49 -1.87
CA THR D 144 -7.84 -22.75 -1.41
C THR D 144 -7.40 -21.57 -0.53
N MET D 145 -7.86 -20.39 -0.90
CA MET D 145 -7.54 -19.17 -0.16
C MET D 145 -8.57 -18.10 -0.49
N TYR D 146 -8.50 -16.96 0.20
CA TYR D 146 -9.38 -15.83 -0.10
C TYR D 146 -9.06 -15.27 -1.48
N PHE D 147 -9.95 -14.43 -2.01
CA PHE D 147 -9.73 -13.84 -3.33
C PHE D 147 -10.29 -12.42 -3.44
N MET D 148 -9.90 -11.74 -4.50
CA MET D 148 -10.29 -10.36 -4.71
C MET D 148 -10.96 -10.18 -6.07
N CYS D 149 -12.14 -9.56 -6.07
CA CYS D 149 -12.87 -9.32 -7.31
C CYS D 149 -12.70 -7.89 -7.79
N GLU D 150 -12.75 -7.70 -9.10
CA GLU D 150 -12.63 -6.39 -9.71
C GLU D 150 -13.88 -6.10 -10.53
N PHE D 151 -14.42 -4.89 -10.38
CA PHE D 151 -15.63 -4.53 -11.10
C PHE D 151 -15.43 -3.26 -11.91
N ASP D 152 -15.87 -3.29 -13.17
CA ASP D 152 -15.81 -2.12 -14.03
C ASP D 152 -17.04 -1.25 -13.83
N LYS D 153 -16.83 0.03 -13.57
CA LYS D 153 -17.96 0.93 -13.30
C LYS D 153 -18.76 1.20 -14.56
N GLU D 154 -18.33 0.61 -15.67
CA GLU D 154 -19.04 0.71 -16.94
C GLU D 154 -19.92 -0.51 -17.12
N ASN D 155 -19.47 -1.63 -16.53
CA ASN D 155 -20.16 -2.93 -16.54
C ASN D 155 -21.13 -3.15 -17.70
N ILE E 7 -41.37 14.72 -11.23
CA ILE E 7 -40.80 14.90 -9.91
C ILE E 7 -41.34 13.87 -8.92
N GLY E 8 -42.65 13.59 -9.01
CA GLY E 8 -43.27 12.61 -8.14
C GLY E 8 -42.66 11.24 -8.36
N GLU E 9 -42.22 10.99 -9.59
CA GLU E 9 -41.55 9.73 -9.93
C GLU E 9 -40.19 9.69 -9.26
N MET E 10 -39.53 10.84 -9.22
CA MET E 10 -38.25 10.97 -8.55
C MET E 10 -38.45 10.84 -7.04
N ASP E 11 -39.62 11.30 -6.58
CA ASP E 11 -40.00 11.17 -5.17
C ASP E 11 -40.22 9.72 -4.80
N ASN E 12 -40.91 8.97 -5.66
CA ASN E 12 -41.13 7.55 -5.46
C ASN E 12 -39.83 6.77 -5.52
N GLN E 13 -38.94 7.18 -6.41
CA GLN E 13 -37.64 6.55 -6.58
C GLN E 13 -36.80 6.69 -5.32
N VAL E 14 -36.75 7.90 -4.78
CA VAL E 14 -36.00 8.17 -3.56
C VAL E 14 -36.56 7.40 -2.37
N SER E 15 -37.89 7.35 -2.28
CA SER E 15 -38.55 6.62 -1.22
C SER E 15 -38.27 5.13 -1.34
N GLN E 16 -38.21 4.64 -2.58
CA GLN E 16 -37.90 3.25 -2.86
C GLN E 16 -36.47 2.92 -2.44
N LEU E 17 -35.54 3.81 -2.76
CA LEU E 17 -34.15 3.64 -2.36
C LEU E 17 -34.01 3.62 -0.83
N THR E 18 -34.79 4.46 -0.17
CA THR E 18 -34.81 4.52 1.28
C THR E 18 -35.23 3.19 1.88
N SER E 19 -36.24 2.58 1.28
CA SER E 19 -36.75 1.29 1.76
C SER E 19 -35.72 0.18 1.56
N GLU E 20 -35.08 0.16 0.41
CA GLU E 20 -34.09 -0.87 0.12
C GLU E 20 -32.86 -0.71 1.02
N LEU E 21 -32.47 0.53 1.27
CA LEU E 21 -31.35 0.82 2.15
C LEU E 21 -31.65 0.37 3.57
N LYS E 22 -32.89 0.55 4.01
CA LYS E 22 -33.32 0.10 5.33
C LYS E 22 -33.13 -1.41 5.43
N PHE E 23 -33.49 -2.12 4.37
CA PHE E 23 -33.31 -3.56 4.31
C PHE E 23 -31.84 -3.96 4.44
N ILE E 24 -30.98 -3.31 3.68
CA ILE E 24 -29.55 -3.61 3.71
C ILE E 24 -28.94 -3.37 5.08
N LYS E 25 -29.33 -2.27 5.71
CA LYS E 25 -28.83 -1.92 7.04
C LYS E 25 -29.25 -2.94 8.10
N ASN E 26 -30.50 -3.37 8.04
CA ASN E 26 -31.05 -4.23 9.09
C ASN E 26 -30.92 -5.71 8.80
N ALA E 27 -31.43 -6.14 7.65
CA ALA E 27 -31.46 -7.57 7.32
C ALA E 27 -30.08 -8.12 7.00
N VAL E 28 -29.24 -7.32 6.36
CA VAL E 28 -27.94 -7.80 5.92
C VAL E 28 -26.79 -7.43 6.87
N ALA E 29 -26.57 -6.13 7.06
CA ALA E 29 -25.44 -5.67 7.87
C ALA E 29 -25.67 -5.86 9.37
N GLY E 30 -26.94 -5.89 9.78
CA GLY E 30 -27.28 -6.11 11.18
C GLY E 30 -26.69 -5.05 12.07
N VAL E 31 -26.75 -3.79 11.64
CA VAL E 31 -26.14 -2.70 12.37
C VAL E 31 -27.09 -2.10 13.40
N ARG E 32 -26.53 -1.56 14.47
CA ARG E 32 -27.32 -0.88 15.50
C ARG E 32 -27.02 0.61 15.49
N GLU E 33 -28.04 1.41 15.78
CA GLU E 33 -27.94 2.85 15.59
C GLU E 33 -28.67 3.64 16.67
N THR E 34 -28.01 4.67 17.19
CA THR E 34 -28.65 5.63 18.07
C THR E 34 -28.82 6.95 17.33
N GLU E 35 -29.03 8.04 18.06
CA GLU E 35 -29.21 9.34 17.44
C GLU E 35 -27.85 9.98 17.14
N SER E 36 -26.81 9.51 17.82
CA SER E 36 -25.48 10.09 17.67
C SER E 36 -24.42 9.11 17.18
N LYS E 37 -24.68 7.81 17.31
CA LYS E 37 -23.66 6.81 16.99
C LYS E 37 -24.19 5.57 16.28
N ILE E 38 -23.31 4.91 15.54
CA ILE E 38 -23.62 3.63 14.89
C ILE E 38 -22.70 2.54 15.42
N TYR E 39 -23.28 1.35 15.66
CA TYR E 39 -22.51 0.24 16.18
C TYR E 39 -22.48 -0.94 15.20
N LEU E 40 -21.31 -1.54 15.03
CA LEU E 40 -21.16 -2.65 14.09
C LEU E 40 -20.44 -3.86 14.69
N LEU E 41 -21.11 -5.00 14.66
CA LEU E 41 -20.50 -6.25 15.11
C LEU E 41 -19.71 -6.88 13.96
N VAL E 42 -18.41 -7.03 14.16
CA VAL E 42 -17.56 -7.68 13.16
C VAL E 42 -17.24 -9.09 13.62
N LYS E 43 -17.74 -10.08 12.88
CA LYS E 43 -17.58 -11.48 13.27
C LYS E 43 -16.31 -12.05 12.67
N GLU E 44 -15.18 -11.43 13.02
CA GLU E 44 -13.86 -11.93 12.66
C GLU E 44 -13.01 -12.06 13.91
N GLU E 45 -12.54 -13.28 14.18
CA GLU E 45 -11.72 -13.52 15.35
C GLU E 45 -10.36 -12.84 15.21
N LYS E 46 -10.13 -11.82 16.04
CA LYS E 46 -8.86 -11.10 16.03
C LYS E 46 -8.40 -10.81 17.46
N ARG E 47 -7.13 -10.44 17.61
CA ARG E 47 -6.63 -9.97 18.91
C ARG E 47 -6.88 -8.48 19.01
N TYR E 48 -6.73 -7.94 20.22
CA TYR E 48 -7.16 -6.57 20.51
C TYR E 48 -6.57 -5.54 19.54
N ALA E 49 -5.27 -5.64 19.30
CA ALA E 49 -4.57 -4.71 18.42
C ALA E 49 -5.10 -4.72 17.00
N ASP E 50 -5.38 -5.92 16.48
CA ASP E 50 -5.91 -6.08 15.13
C ASP E 50 -7.37 -5.66 15.05
N ALA E 51 -8.11 -5.91 16.13
CA ALA E 51 -9.50 -5.50 16.20
C ALA E 51 -9.63 -3.99 16.13
N GLN E 52 -8.80 -3.28 16.91
CA GLN E 52 -8.82 -1.83 16.95
C GLN E 52 -8.42 -1.24 15.60
N LEU E 53 -7.40 -1.83 14.98
CA LEU E 53 -6.93 -1.39 13.66
C LEU E 53 -8.04 -1.56 12.62
N SER E 54 -8.77 -2.66 12.71
CA SER E 54 -9.88 -2.92 11.79
C SER E 54 -10.96 -1.86 11.96
N CYS E 55 -11.28 -1.51 13.20
CA CYS E 55 -12.26 -0.46 13.48
C CYS E 55 -11.79 0.90 12.97
N GLN E 56 -10.50 1.19 13.15
CA GLN E 56 -9.93 2.46 12.72
C GLN E 56 -9.90 2.54 11.20
N GLY E 57 -9.65 1.40 10.56
CA GLY E 57 -9.64 1.32 9.11
C GLY E 57 -11.01 1.57 8.52
N ARG E 58 -12.05 1.29 9.30
CA ARG E 58 -13.42 1.49 8.85
C ARG E 58 -13.92 2.89 9.20
N GLY E 59 -13.08 3.67 9.90
CA GLY E 59 -13.43 5.03 10.25
C GLY E 59 -14.03 5.20 11.64
N GLY E 60 -13.76 4.24 12.52
CA GLY E 60 -14.27 4.30 13.88
C GLY E 60 -13.27 3.77 14.90
N THR E 61 -13.78 3.33 16.04
CA THR E 61 -12.97 2.71 17.07
C THR E 61 -13.77 1.62 17.78
N LEU E 62 -13.11 0.84 18.62
CA LEU E 62 -13.79 -0.15 19.43
C LEU E 62 -14.82 0.54 20.31
N SER E 63 -16.00 -0.07 20.46
CA SER E 63 -17.11 0.53 21.17
C SER E 63 -16.72 1.02 22.57
N MET E 64 -17.23 2.18 22.94
CA MET E 64 -16.89 2.79 24.22
C MET E 64 -18.14 3.09 25.03
N PRO E 65 -18.64 2.09 25.77
CA PRO E 65 -19.82 2.26 26.63
C PRO E 65 -19.54 3.22 27.79
N LYS E 66 -19.89 4.48 27.61
CA LYS E 66 -19.64 5.50 28.61
C LYS E 66 -20.86 5.75 29.50
N ASP E 67 -21.97 5.11 29.16
CA ASP E 67 -23.19 5.21 29.96
C ASP E 67 -24.00 3.92 29.91
N GLU E 68 -25.04 3.84 30.74
CA GLU E 68 -25.86 2.65 30.83
C GLU E 68 -26.61 2.35 29.53
N ALA E 69 -27.07 3.40 28.87
CA ALA E 69 -27.85 3.27 27.63
C ALA E 69 -27.01 2.62 26.54
N ALA E 70 -25.80 3.15 26.33
CA ALA E 70 -24.89 2.62 25.34
C ALA E 70 -24.52 1.17 25.68
N ASN E 71 -24.23 0.93 26.95
CA ASN E 71 -23.85 -0.41 27.40
C ASN E 71 -24.98 -1.42 27.19
N GLY E 72 -26.21 -1.00 27.47
CA GLY E 72 -27.37 -1.84 27.29
C GLY E 72 -27.63 -2.21 25.83
N LEU E 73 -27.48 -1.23 24.94
CA LEU E 73 -27.64 -1.45 23.52
C LEU E 73 -26.62 -2.47 23.00
N MET E 74 -25.37 -2.29 23.39
CA MET E 74 -24.30 -3.22 23.02
C MET E 74 -24.59 -4.62 23.53
N ALA E 75 -25.07 -4.71 24.78
CA ALA E 75 -25.42 -5.99 25.38
C ALA E 75 -26.54 -6.70 24.62
N ALA E 76 -27.58 -5.94 24.27
CA ALA E 76 -28.70 -6.47 23.51
C ALA E 76 -28.22 -6.92 22.13
N TYR E 77 -27.31 -6.14 21.55
CA TYR E 77 -26.71 -6.44 20.26
C TYR E 77 -26.04 -7.82 20.27
N LEU E 78 -25.23 -8.07 21.30
CA LEU E 78 -24.56 -9.36 21.47
C LEU E 78 -25.53 -10.52 21.62
N ALA E 79 -26.54 -10.33 22.47
CA ALA E 79 -27.51 -11.38 22.75
C ALA E 79 -28.27 -11.77 21.49
N GLN E 80 -28.77 -10.77 20.77
CA GLN E 80 -29.54 -10.99 19.56
C GLN E 80 -28.71 -11.67 18.47
N ALA E 81 -27.41 -11.40 18.49
CA ALA E 81 -26.49 -12.00 17.51
C ALA E 81 -26.06 -13.39 17.96
N GLY E 82 -26.44 -13.75 19.18
CA GLY E 82 -26.11 -15.06 19.73
C GLY E 82 -24.64 -15.23 20.09
N LEU E 83 -23.98 -14.12 20.42
CA LEU E 83 -22.56 -14.16 20.77
C LEU E 83 -22.35 -14.17 22.28
N ALA E 84 -21.28 -14.83 22.73
CA ALA E 84 -20.99 -14.93 24.15
C ALA E 84 -20.08 -13.81 24.65
N ARG E 85 -19.21 -13.31 23.77
CA ARG E 85 -18.24 -12.29 24.16
C ARG E 85 -17.69 -11.54 22.95
N VAL E 86 -17.34 -10.27 23.16
CA VAL E 86 -16.66 -9.48 22.14
C VAL E 86 -15.67 -8.50 22.76
N PHE E 87 -14.65 -8.12 22.01
CA PHE E 87 -13.76 -7.05 22.43
C PHE E 87 -14.49 -5.70 22.40
N ILE E 88 -14.20 -4.84 23.37
CA ILE E 88 -14.71 -3.48 23.37
C ILE E 88 -13.57 -2.50 23.67
N GLY E 89 -13.86 -1.20 23.55
CA GLY E 89 -12.84 -0.18 23.65
C GLY E 89 -12.45 0.27 25.04
N ILE E 90 -11.95 -0.65 25.84
CA ILE E 90 -11.44 -0.32 27.17
C ILE E 90 -10.15 -1.10 27.44
N ASN E 91 -9.15 -0.43 28.01
CA ASN E 91 -7.88 -1.07 28.31
C ASN E 91 -7.05 -0.31 29.34
N ASP E 92 -6.06 -0.99 29.90
CA ASP E 92 -5.08 -0.36 30.78
C ASP E 92 -3.66 -0.75 30.36
N LEU E 93 -3.43 -0.72 29.06
CA LEU E 93 -2.16 -1.13 28.47
C LEU E 93 -0.99 -0.24 28.90
N GLU E 94 -1.22 1.07 29.02
CA GLU E 94 -0.13 2.01 29.23
C GLU E 94 0.33 2.08 30.68
N LYS E 95 -0.60 1.87 31.62
CA LYS E 95 -0.25 1.79 33.03
C LYS E 95 -1.21 0.87 33.76
N GLU E 96 -0.66 -0.13 34.44
CA GLU E 96 -1.45 -1.16 35.10
C GLU E 96 -2.42 -0.57 36.13
N GLY E 97 -3.69 -0.95 35.99
CA GLY E 97 -4.74 -0.49 36.89
C GLY E 97 -5.41 0.80 36.44
N ALA E 98 -4.79 1.50 35.50
CA ALA E 98 -5.34 2.74 34.99
C ALA E 98 -6.06 2.54 33.65
N PHE E 99 -7.35 2.23 33.72
CA PHE E 99 -8.12 1.92 32.51
C PHE E 99 -8.59 3.17 31.77
N VAL E 100 -8.53 3.10 30.44
CA VAL E 100 -8.96 4.19 29.57
C VAL E 100 -9.78 3.65 28.39
N TYR E 101 -10.53 4.54 27.75
CA TYR E 101 -11.30 4.19 26.56
C TYR E 101 -10.45 4.26 25.28
N SER E 102 -11.03 3.83 24.16
CA SER E 102 -10.32 3.83 22.89
C SER E 102 -9.97 5.23 22.39
N ASP E 103 -10.71 6.23 22.85
CA ASP E 103 -10.44 7.62 22.48
C ASP E 103 -9.47 8.28 23.47
N HIS E 104 -8.84 7.47 24.30
CA HIS E 104 -7.88 7.95 25.31
C HIS E 104 -8.57 8.78 26.39
N SER E 105 -9.90 8.83 26.36
CA SER E 105 -10.66 9.49 27.42
C SER E 105 -10.61 8.66 28.70
N PRO E 106 -10.51 9.33 29.85
CA PRO E 106 -10.34 8.64 31.13
C PRO E 106 -11.57 7.86 31.57
N MET E 107 -11.36 6.83 32.37
CA MET E 107 -12.44 6.07 32.96
C MET E 107 -13.20 6.93 33.97
N ARG E 108 -14.49 6.66 34.13
CA ARG E 108 -15.35 7.45 35.02
C ARG E 108 -16.09 6.60 36.04
N THR E 109 -17.08 7.22 36.68
CA THR E 109 -17.84 6.58 37.73
C THR E 109 -18.58 5.35 37.19
N PHE E 110 -19.20 5.52 36.03
CA PHE E 110 -19.93 4.43 35.40
C PHE E 110 -18.99 3.32 34.97
N ASN E 111 -19.37 2.09 35.32
CA ASN E 111 -18.66 0.91 34.86
C ASN E 111 -19.58 -0.31 34.93
N LYS E 112 -19.21 -1.37 34.24
CA LYS E 112 -20.00 -2.59 34.29
C LYS E 112 -19.12 -3.79 34.59
N TRP E 113 -18.12 -3.57 35.45
CA TRP E 113 -17.22 -4.64 35.86
C TRP E 113 -17.99 -5.76 36.55
N ARG E 114 -17.73 -6.99 36.14
CA ARG E 114 -18.29 -8.14 36.85
C ARG E 114 -17.64 -8.19 38.22
N SER E 115 -18.26 -8.88 39.17
CA SER E 115 -17.70 -8.94 40.52
C SER E 115 -16.28 -9.50 40.50
N GLY E 116 -15.35 -8.78 41.11
CA GLY E 116 -13.95 -9.18 41.14
C GLY E 116 -13.10 -8.65 40.01
N GLU E 117 -13.72 -7.94 39.07
CA GLU E 117 -12.98 -7.39 37.94
C GLU E 117 -12.81 -5.88 38.06
N PRO E 118 -11.73 -5.34 37.47
CA PRO E 118 -10.70 -6.11 36.75
C PRO E 118 -9.67 -6.72 37.71
N ASN E 119 -9.27 -7.96 37.46
CA ASN E 119 -8.40 -8.68 38.38
C ASN E 119 -6.98 -8.90 37.87
N ASN E 120 -6.75 -8.60 36.59
CA ASN E 120 -5.44 -8.78 35.96
C ASN E 120 -4.86 -10.18 36.20
N ALA E 121 -5.65 -11.20 35.89
CA ALA E 121 -5.30 -12.60 36.14
C ALA E 121 -3.95 -12.97 35.51
N TYR E 122 -3.05 -13.50 36.33
CA TYR E 122 -1.73 -13.93 35.87
C TYR E 122 -0.89 -12.75 35.38
N ASP E 123 -1.29 -11.54 35.74
CA ASP E 123 -0.56 -10.33 35.33
C ASP E 123 -0.44 -10.24 33.82
N GLU E 124 -1.49 -10.65 33.10
CA GLU E 124 -1.45 -10.67 31.64
C GLU E 124 -2.73 -10.15 31.01
N GLU E 125 -3.56 -9.47 31.78
CA GLU E 125 -4.84 -8.99 31.27
C GLU E 125 -4.90 -7.47 31.25
N ASP E 126 -4.77 -6.90 30.06
CA ASP E 126 -4.77 -5.44 29.90
C ASP E 126 -5.83 -4.95 28.92
N CYS E 127 -6.65 -5.87 28.42
CA CYS E 127 -7.73 -5.53 27.50
C CYS E 127 -9.08 -5.91 28.10
N VAL E 128 -10.16 -5.49 27.45
CA VAL E 128 -11.49 -5.70 28.00
C VAL E 128 -12.47 -6.35 27.03
N GLU E 129 -13.23 -7.31 27.54
CA GLU E 129 -14.28 -7.96 26.78
C GLU E 129 -15.65 -7.63 27.38
N MET E 130 -16.68 -7.63 26.55
CA MET E 130 -18.04 -7.58 27.04
C MET E 130 -18.71 -8.94 26.85
N VAL E 131 -19.38 -9.42 27.88
CA VAL E 131 -20.10 -10.68 27.79
C VAL E 131 -21.58 -10.43 27.48
N ALA E 132 -22.30 -11.48 27.13
CA ALA E 132 -23.69 -11.36 26.72
C ALA E 132 -24.55 -10.66 27.76
N SER E 133 -24.23 -10.87 29.03
CA SER E 133 -24.97 -10.24 30.12
C SER E 133 -24.75 -8.74 30.13
N GLY E 134 -23.66 -8.29 29.52
CA GLY E 134 -23.32 -6.88 29.48
C GLY E 134 -22.17 -6.49 30.38
N GLY E 135 -21.74 -7.42 31.24
CA GLY E 135 -20.66 -7.15 32.17
C GLY E 135 -19.30 -7.02 31.50
N TRP E 136 -18.37 -6.34 32.17
CA TRP E 136 -17.03 -6.18 31.64
C TRP E 136 -16.05 -7.13 32.34
N ASN E 137 -15.05 -7.56 31.60
CA ASN E 137 -14.00 -8.40 32.15
C ASN E 137 -12.68 -8.16 31.41
N ASP E 138 -11.61 -7.91 32.16
CA ASP E 138 -10.31 -7.72 31.53
C ASP E 138 -9.73 -9.07 31.11
N VAL E 139 -9.09 -9.09 29.94
CA VAL E 139 -8.54 -10.33 29.38
C VAL E 139 -7.20 -10.06 28.73
N ALA E 140 -6.51 -11.14 28.35
CA ALA E 140 -5.23 -11.02 27.66
C ALA E 140 -5.42 -10.44 26.26
N CYS E 141 -4.54 -9.52 25.87
CA CYS E 141 -4.66 -8.84 24.59
C CYS E 141 -4.40 -9.77 23.41
N HIS E 142 -3.74 -10.89 23.68
CA HIS E 142 -3.44 -11.85 22.62
C HIS E 142 -4.59 -12.83 22.43
N THR E 143 -5.63 -12.69 23.25
CA THR E 143 -6.84 -13.46 23.09
C THR E 143 -7.51 -13.14 21.75
N THR E 144 -8.14 -14.15 21.15
CA THR E 144 -8.80 -13.98 19.86
C THR E 144 -10.31 -14.12 19.98
N MET E 145 -11.03 -13.09 19.56
CA MET E 145 -12.48 -13.12 19.60
C MET E 145 -13.08 -12.08 18.66
N TYR E 146 -14.41 -12.10 18.54
CA TYR E 146 -15.11 -11.08 17.76
C TYR E 146 -14.98 -9.73 18.43
N PHE E 147 -15.33 -8.67 17.72
CA PHE E 147 -15.24 -7.33 18.28
C PHE E 147 -16.33 -6.42 17.72
N MET E 148 -16.52 -5.28 18.37
CA MET E 148 -17.58 -4.36 17.97
C MET E 148 -17.04 -2.94 17.75
N CYS E 149 -17.40 -2.36 16.60
CA CYS E 149 -16.93 -1.04 16.26
C CYS E 149 -18.00 0.01 16.56
N GLU E 150 -17.56 1.22 16.90
CA GLU E 150 -18.46 2.32 17.16
C GLU E 150 -18.12 3.48 16.23
N PHE E 151 -19.14 4.11 15.65
CA PHE E 151 -18.94 5.21 14.72
C PHE E 151 -19.69 6.45 15.17
N ASP E 152 -19.02 7.61 15.12
CA ASP E 152 -19.69 8.87 15.45
C ASP E 152 -20.34 9.46 14.21
N LYS E 153 -21.64 9.75 14.33
CA LYS E 153 -22.43 10.26 13.21
C LYS E 153 -22.11 11.70 12.82
N GLU E 154 -21.11 12.28 13.46
CA GLU E 154 -20.72 13.66 13.16
C GLU E 154 -19.63 13.66 12.09
N ASN E 155 -18.85 12.60 12.06
CA ASN E 155 -17.79 12.43 11.07
C ASN E 155 -18.15 11.38 10.03
N SER F 1 -33.74 26.19 -19.42
CA SER F 1 -34.37 26.39 -18.12
C SER F 1 -33.45 25.95 -16.99
N GLN F 2 -33.23 26.84 -16.03
CA GLN F 2 -32.36 26.54 -14.89
C GLN F 2 -32.95 25.44 -14.03
N LEU F 3 -34.28 25.41 -13.94
CA LEU F 3 -34.99 24.40 -13.18
C LEU F 3 -34.93 23.02 -13.84
N ARG F 4 -35.01 23.01 -15.17
CA ARG F 4 -34.95 21.77 -15.92
C ARG F 4 -33.56 21.13 -15.85
N LYS F 5 -32.53 21.96 -15.77
CA LYS F 5 -31.16 21.48 -15.61
C LYS F 5 -30.97 20.80 -14.25
N ALA F 6 -31.50 21.46 -13.21
CA ALA F 6 -31.42 20.94 -11.86
C ALA F 6 -32.17 19.62 -11.74
N ILE F 7 -33.30 19.52 -12.43
CA ILE F 7 -34.08 18.29 -12.45
C ILE F 7 -33.29 17.15 -13.09
N GLY F 8 -32.65 17.45 -14.21
CA GLY F 8 -31.84 16.47 -14.91
C GLY F 8 -30.60 16.03 -14.14
N GLU F 9 -30.01 16.96 -13.38
CA GLU F 9 -28.84 16.64 -12.57
C GLU F 9 -29.24 15.79 -11.37
N MET F 10 -30.40 16.08 -10.80
CA MET F 10 -30.93 15.33 -9.67
C MET F 10 -31.30 13.90 -10.09
N ASP F 11 -31.72 13.76 -11.34
CA ASP F 11 -32.03 12.46 -11.91
C ASP F 11 -30.76 11.61 -12.00
N ASN F 12 -29.67 12.23 -12.43
CA ASN F 12 -28.38 11.56 -12.51
C ASN F 12 -27.88 11.14 -11.13
N GLN F 13 -28.11 11.98 -10.14
CA GLN F 13 -27.72 11.71 -8.76
C GLN F 13 -28.46 10.49 -8.21
N VAL F 14 -29.78 10.49 -8.39
CA VAL F 14 -30.62 9.39 -7.94
C VAL F 14 -30.34 8.08 -8.68
N SER F 15 -30.12 8.17 -9.99
CA SER F 15 -29.78 7.00 -10.78
C SER F 15 -28.44 6.44 -10.32
N GLN F 16 -27.53 7.33 -9.97
CA GLN F 16 -26.22 6.94 -9.44
C GLN F 16 -26.39 6.19 -8.13
N LEU F 17 -27.27 6.72 -7.27
CA LEU F 17 -27.57 6.08 -6.00
C LEU F 17 -28.17 4.69 -6.22
N THR F 18 -29.01 4.58 -7.24
CA THR F 18 -29.64 3.32 -7.61
C THR F 18 -28.60 2.27 -7.99
N SER F 19 -27.61 2.67 -8.77
CA SER F 19 -26.56 1.75 -9.22
C SER F 19 -25.72 1.26 -8.03
N GLU F 20 -25.37 2.17 -7.12
CA GLU F 20 -24.56 1.80 -5.97
C GLU F 20 -25.32 0.84 -5.06
N LEU F 21 -26.62 1.07 -4.91
CA LEU F 21 -27.46 0.19 -4.12
C LEU F 21 -27.54 -1.19 -4.76
N LYS F 22 -27.66 -1.21 -6.07
CA LYS F 22 -27.69 -2.46 -6.81
C LYS F 22 -26.39 -3.22 -6.62
N PHE F 23 -25.27 -2.49 -6.66
CA PHE F 23 -23.96 -3.10 -6.47
C PHE F 23 -23.85 -3.76 -5.10
N ILE F 24 -24.30 -3.05 -4.07
CA ILE F 24 -24.23 -3.56 -2.71
C ILE F 24 -25.07 -4.82 -2.54
N LYS F 25 -26.28 -4.81 -3.09
CA LYS F 25 -27.18 -5.94 -3.00
C LYS F 25 -26.65 -7.20 -3.69
N ASN F 26 -26.11 -7.03 -4.90
CA ASN F 26 -25.71 -8.17 -5.72
C ASN F 26 -24.25 -8.58 -5.56
N ALA F 27 -23.34 -7.65 -5.78
CA ALA F 27 -21.92 -7.96 -5.76
C ALA F 27 -21.40 -8.22 -4.35
N VAL F 28 -21.94 -7.52 -3.37
CA VAL F 28 -21.47 -7.62 -1.99
C VAL F 28 -22.32 -8.57 -1.15
N ALA F 29 -23.61 -8.28 -1.04
CA ALA F 29 -24.50 -9.06 -0.21
C ALA F 29 -24.84 -10.41 -0.87
N GLY F 30 -24.73 -10.45 -2.19
CA GLY F 30 -24.97 -11.68 -2.95
C GLY F 30 -26.38 -12.22 -2.79
N VAL F 31 -27.36 -11.33 -2.81
CA VAL F 31 -28.75 -11.72 -2.62
C VAL F 31 -29.43 -12.03 -3.95
N ARG F 32 -30.48 -12.83 -3.88
CA ARG F 32 -31.29 -13.09 -5.06
C ARG F 32 -32.61 -12.36 -4.86
N GLU F 33 -33.15 -11.82 -5.95
CA GLU F 33 -34.28 -10.92 -5.84
C GLU F 33 -35.25 -11.13 -6.98
N THR F 34 -36.53 -11.18 -6.64
CA THR F 34 -37.58 -11.19 -7.66
C THR F 34 -38.30 -9.84 -7.62
N GLU F 35 -39.50 -9.79 -8.20
CA GLU F 35 -40.27 -8.56 -8.22
C GLU F 35 -41.05 -8.41 -6.91
N SER F 36 -41.21 -9.51 -6.19
CA SER F 36 -42.00 -9.51 -4.96
C SER F 36 -41.21 -9.93 -3.71
N LYS F 37 -40.08 -10.60 -3.89
CA LYS F 37 -39.34 -11.15 -2.76
C LYS F 37 -37.82 -10.99 -2.86
N ILE F 38 -37.16 -11.01 -1.71
CA ILE F 38 -35.70 -11.04 -1.64
C ILE F 38 -35.24 -12.27 -0.87
N TYR F 39 -34.21 -12.94 -1.38
CA TYR F 39 -33.67 -14.13 -0.73
C TYR F 39 -32.23 -13.88 -0.29
N LEU F 40 -31.90 -14.33 0.93
CA LEU F 40 -30.57 -14.10 1.46
C LEU F 40 -29.97 -15.38 2.02
N LEU F 41 -28.80 -15.74 1.49
CA LEU F 41 -28.05 -16.88 1.97
C LEU F 41 -27.16 -16.48 3.14
N VAL F 42 -27.39 -17.08 4.30
CA VAL F 42 -26.57 -16.78 5.48
C VAL F 42 -25.56 -17.89 5.74
N LYS F 43 -24.28 -17.58 5.61
CA LYS F 43 -23.23 -18.58 5.73
C LYS F 43 -22.72 -18.68 7.16
N GLU F 44 -23.64 -19.00 8.07
CA GLU F 44 -23.33 -19.26 9.46
C GLU F 44 -23.96 -20.60 9.86
N GLU F 45 -23.15 -21.56 10.28
CA GLU F 45 -23.69 -22.86 10.67
C GLU F 45 -24.50 -22.78 11.96
N LYS F 46 -25.80 -23.03 11.84
CA LYS F 46 -26.69 -23.00 12.99
C LYS F 46 -27.63 -24.20 12.96
N ARG F 47 -28.28 -24.47 14.09
CA ARG F 47 -29.33 -25.49 14.10
C ARG F 47 -30.63 -24.81 13.70
N TYR F 48 -31.65 -25.61 13.36
CA TYR F 48 -32.86 -25.09 12.74
C TYR F 48 -33.51 -23.95 13.51
N ALA F 49 -33.68 -24.14 14.82
CA ALA F 49 -34.32 -23.14 15.68
C ALA F 49 -33.54 -21.82 15.65
N ASP F 50 -32.22 -21.91 15.68
CA ASP F 50 -31.37 -20.73 15.66
C ASP F 50 -31.40 -20.05 14.30
N ALA F 51 -31.52 -20.83 13.24
CA ALA F 51 -31.60 -20.30 11.88
C ALA F 51 -32.85 -19.44 11.73
N GLN F 52 -33.97 -19.95 12.21
CA GLN F 52 -35.25 -19.25 12.12
C GLN F 52 -35.21 -17.95 12.93
N LEU F 53 -34.63 -18.00 14.12
CA LEU F 53 -34.52 -16.81 14.96
C LEU F 53 -33.69 -15.73 14.25
N SER F 54 -32.63 -16.15 13.59
CA SER F 54 -31.78 -15.22 12.86
C SER F 54 -32.55 -14.57 11.73
N CYS F 55 -33.35 -15.36 11.01
CA CYS F 55 -34.18 -14.85 9.93
C CYS F 55 -35.22 -13.85 10.43
N GLN F 56 -35.82 -14.16 11.57
CA GLN F 56 -36.83 -13.29 12.15
C GLN F 56 -36.20 -11.99 12.63
N GLY F 57 -34.98 -12.10 13.15
CA GLY F 57 -34.25 -10.92 13.61
C GLY F 57 -33.93 -9.96 12.48
N ARG F 58 -33.83 -10.50 11.27
CA ARG F 58 -33.50 -9.67 10.11
C ARG F 58 -34.77 -9.14 9.44
N GLY F 59 -35.93 -9.56 9.95
CA GLY F 59 -37.19 -9.09 9.42
C GLY F 59 -37.81 -10.02 8.38
N GLY F 60 -37.43 -11.30 8.41
CA GLY F 60 -37.96 -12.26 7.46
C GLY F 60 -38.22 -13.62 8.09
N THR F 61 -38.23 -14.66 7.27
CA THR F 61 -38.41 -16.02 7.76
C THR F 61 -37.59 -16.99 6.90
N LEU F 62 -37.41 -18.23 7.35
CA LEU F 62 -36.72 -19.23 6.53
C LEU F 62 -37.47 -19.43 5.22
N SER F 63 -36.72 -19.52 4.12
CA SER F 63 -37.30 -19.59 2.78
C SER F 63 -38.38 -20.65 2.66
N MET F 64 -39.45 -20.30 1.96
CA MET F 64 -40.61 -21.17 1.83
C MET F 64 -40.98 -21.42 0.37
N PRO F 65 -40.33 -22.42 -0.26
CA PRO F 65 -40.63 -22.75 -1.65
C PRO F 65 -42.04 -23.30 -1.80
N LYS F 66 -42.99 -22.43 -2.13
CA LYS F 66 -44.39 -22.83 -2.24
C LYS F 66 -44.81 -23.13 -3.68
N ASP F 67 -43.91 -22.87 -4.62
CA ASP F 67 -44.17 -23.20 -6.02
C ASP F 67 -42.87 -23.57 -6.74
N GLU F 68 -42.99 -24.04 -7.97
CA GLU F 68 -41.83 -24.52 -8.72
C GLU F 68 -40.81 -23.41 -8.98
N ALA F 69 -41.29 -22.21 -9.26
CA ALA F 69 -40.43 -21.07 -9.57
C ALA F 69 -39.52 -20.71 -8.39
N ALA F 70 -40.12 -20.60 -7.21
CA ALA F 70 -39.36 -20.27 -6.01
C ALA F 70 -38.31 -21.35 -5.73
N ASN F 71 -38.72 -22.61 -5.86
CA ASN F 71 -37.81 -23.73 -5.62
C ASN F 71 -36.64 -23.73 -6.60
N GLY F 72 -36.91 -23.40 -7.85
CA GLY F 72 -35.87 -23.32 -8.86
C GLY F 72 -34.88 -22.21 -8.57
N LEU F 73 -35.38 -21.06 -8.14
CA LEU F 73 -34.52 -19.93 -7.79
C LEU F 73 -33.59 -20.29 -6.63
N MET F 74 -34.16 -20.88 -5.59
CA MET F 74 -33.38 -21.31 -4.42
C MET F 74 -32.31 -22.33 -4.81
N ALA F 75 -32.68 -23.27 -5.66
CA ALA F 75 -31.73 -24.28 -6.13
C ALA F 75 -30.57 -23.67 -6.89
N ALA F 76 -30.88 -22.74 -7.79
CA ALA F 76 -29.87 -22.04 -8.57
C ALA F 76 -28.98 -21.18 -7.66
N TYR F 77 -29.62 -20.57 -6.66
CA TYR F 77 -28.93 -19.76 -5.66
C TYR F 77 -27.87 -20.60 -4.95
N LEU F 78 -28.26 -21.79 -4.52
CA LEU F 78 -27.36 -22.73 -3.85
C LEU F 78 -26.21 -23.14 -4.75
N ALA F 79 -26.53 -23.45 -6.02
CA ALA F 79 -25.54 -23.90 -6.98
C ALA F 79 -24.46 -22.83 -7.20
N GLN F 80 -24.90 -21.59 -7.39
CA GLN F 80 -23.99 -20.49 -7.61
C GLN F 80 -23.08 -20.27 -6.40
N ALA F 81 -23.59 -20.56 -5.21
CA ALA F 81 -22.81 -20.36 -4.00
C ALA F 81 -21.87 -21.54 -3.72
N GLY F 82 -22.02 -22.61 -4.49
CA GLY F 82 -21.19 -23.79 -4.33
C GLY F 82 -21.51 -24.55 -3.06
N LEU F 83 -22.75 -24.45 -2.59
CA LEU F 83 -23.16 -25.11 -1.35
C LEU F 83 -23.82 -26.43 -1.65
N ALA F 84 -23.67 -27.39 -0.75
CA ALA F 84 -24.24 -28.71 -0.91
C ALA F 84 -25.64 -28.80 -0.29
N ARG F 85 -25.87 -28.02 0.75
CA ARG F 85 -27.14 -28.06 1.48
C ARG F 85 -27.38 -26.82 2.32
N VAL F 86 -28.66 -26.47 2.49
CA VAL F 86 -29.05 -25.42 3.43
C VAL F 86 -30.39 -25.74 4.08
N PHE F 87 -30.59 -25.21 5.28
CA PHE F 87 -31.90 -25.26 5.93
C PHE F 87 -32.90 -24.39 5.18
N ILE F 88 -34.14 -24.86 5.10
CA ILE F 88 -35.22 -24.05 4.54
C ILE F 88 -36.43 -24.09 5.46
N GLY F 89 -37.43 -23.27 5.16
CA GLY F 89 -38.57 -23.09 6.05
C GLY F 89 -39.65 -24.14 5.93
N ILE F 90 -39.29 -25.39 6.21
CA ILE F 90 -40.27 -26.47 6.25
C ILE F 90 -39.99 -27.38 7.45
N ASN F 91 -41.03 -27.80 8.15
CA ASN F 91 -40.86 -28.68 9.30
C ASN F 91 -42.15 -29.42 9.66
N ASP F 92 -42.02 -30.47 10.46
CA ASP F 92 -43.19 -31.13 11.03
C ASP F 92 -42.96 -31.33 12.53
N LEU F 93 -42.43 -30.29 13.18
CA LEU F 93 -42.09 -30.35 14.59
C LEU F 93 -43.31 -30.57 15.49
N GLU F 94 -44.43 -29.93 15.14
CA GLU F 94 -45.59 -29.94 16.03
C GLU F 94 -46.44 -31.20 15.87
N LYS F 95 -46.46 -31.77 14.66
CA LYS F 95 -47.16 -33.02 14.43
C LYS F 95 -46.46 -33.86 13.36
N GLU F 96 -46.11 -35.08 13.75
CA GLU F 96 -45.34 -35.97 12.87
C GLU F 96 -46.10 -36.25 11.58
N GLY F 97 -45.45 -36.00 10.44
CA GLY F 97 -46.05 -36.24 9.15
C GLY F 97 -46.84 -35.06 8.61
N ALA F 98 -47.15 -34.10 9.47
CA ALA F 98 -47.91 -32.91 9.08
C ALA F 98 -46.97 -31.74 8.85
N PHE F 99 -46.49 -31.60 7.63
CA PHE F 99 -45.49 -30.60 7.32
C PHE F 99 -46.07 -29.19 7.13
N VAL F 100 -45.36 -28.20 7.66
CA VAL F 100 -45.76 -26.81 7.53
C VAL F 100 -44.56 -25.95 7.14
N TYR F 101 -44.85 -24.77 6.60
CA TYR F 101 -43.80 -23.83 6.27
C TYR F 101 -43.45 -23.00 7.50
N SER F 102 -42.41 -22.17 7.38
CA SER F 102 -41.95 -21.36 8.50
C SER F 102 -43.02 -20.36 8.95
N ASP F 103 -43.95 -20.02 8.07
CA ASP F 103 -45.04 -19.12 8.46
C ASP F 103 -46.23 -19.92 9.02
N HIS F 104 -45.99 -21.20 9.28
CA HIS F 104 -47.02 -22.11 9.82
C HIS F 104 -48.18 -22.39 8.87
N SER F 105 -48.07 -21.93 7.63
CA SER F 105 -49.06 -22.29 6.61
C SER F 105 -48.82 -23.75 6.22
N PRO F 106 -49.90 -24.50 5.99
CA PRO F 106 -49.79 -25.95 5.77
C PRO F 106 -49.12 -26.33 4.46
N MET F 107 -48.52 -27.52 4.45
CA MET F 107 -47.96 -28.10 3.23
C MET F 107 -49.08 -28.43 2.26
N ARG F 108 -48.81 -28.31 0.96
CA ARG F 108 -49.84 -28.60 -0.03
C ARG F 108 -49.38 -29.56 -1.11
N THR F 109 -50.09 -29.58 -2.23
CA THR F 109 -49.84 -30.54 -3.29
C THR F 109 -48.41 -30.43 -3.83
N PHE F 110 -47.96 -29.21 -4.09
CA PHE F 110 -46.61 -29.01 -4.58
C PHE F 110 -45.56 -29.38 -3.55
N ASN F 111 -44.56 -30.14 -3.99
CA ASN F 111 -43.41 -30.48 -3.16
C ASN F 111 -42.22 -30.91 -4.00
N LYS F 112 -41.04 -30.92 -3.38
CA LYS F 112 -39.82 -31.38 -4.05
C LYS F 112 -39.07 -32.41 -3.23
N TRP F 113 -39.80 -33.29 -2.56
CA TRP F 113 -39.17 -34.35 -1.78
C TRP F 113 -38.30 -35.23 -2.68
N ARG F 114 -37.09 -35.52 -2.23
CA ARG F 114 -36.25 -36.48 -2.92
C ARG F 114 -36.88 -37.86 -2.81
N SER F 115 -36.46 -38.77 -3.69
CA SER F 115 -36.99 -40.13 -3.68
C SER F 115 -36.77 -40.77 -2.32
N GLY F 116 -37.84 -41.30 -1.74
CA GLY F 116 -37.77 -41.93 -0.44
C GLY F 116 -38.01 -40.97 0.70
N GLU F 117 -38.17 -39.70 0.38
CA GLU F 117 -38.37 -38.65 1.37
C GLU F 117 -39.81 -38.14 1.35
N PRO F 118 -40.32 -37.66 2.49
CA PRO F 118 -39.63 -37.60 3.78
C PRO F 118 -39.73 -38.95 4.49
N ASN F 119 -38.65 -39.39 5.13
CA ASN F 119 -38.64 -40.73 5.71
C ASN F 119 -38.64 -40.74 7.25
N ASN F 120 -38.46 -39.57 7.86
CA ASN F 120 -38.42 -39.46 9.31
C ASN F 120 -37.45 -40.48 9.87
N ALA F 121 -36.24 -40.50 9.32
CA ALA F 121 -35.27 -41.54 9.62
C ALA F 121 -35.03 -41.74 11.11
N TYR F 122 -35.28 -42.96 11.57
CA TYR F 122 -35.03 -43.34 12.95
C TYR F 122 -35.87 -42.53 13.93
N ASP F 123 -36.95 -41.94 13.42
CA ASP F 123 -37.87 -41.14 14.23
C ASP F 123 -37.13 -39.94 14.85
N GLU F 124 -36.23 -39.33 14.08
CA GLU F 124 -35.41 -38.25 14.61
C GLU F 124 -35.27 -37.05 13.65
N GLU F 125 -36.08 -37.01 12.60
CA GLU F 125 -35.97 -35.94 11.59
C GLU F 125 -37.26 -35.12 11.46
N ASP F 126 -37.25 -33.88 11.97
CA ASP F 126 -38.44 -33.03 11.92
C ASP F 126 -38.21 -31.69 11.22
N CYS F 127 -37.03 -31.51 10.65
CA CYS F 127 -36.73 -30.30 9.90
C CYS F 127 -36.36 -30.66 8.47
N VAL F 128 -36.21 -29.65 7.62
CA VAL F 128 -35.97 -29.88 6.19
C VAL F 128 -34.78 -29.10 5.65
N GLU F 129 -33.97 -29.78 4.84
CA GLU F 129 -32.85 -29.16 4.15
C GLU F 129 -33.10 -29.18 2.65
N MET F 130 -32.52 -28.23 1.92
CA MET F 130 -32.53 -28.32 0.47
C MET F 130 -31.13 -28.66 -0.02
N VAL F 131 -31.06 -29.61 -0.97
CA VAL F 131 -29.78 -29.98 -1.55
C VAL F 131 -29.57 -29.24 -2.87
N ALA F 132 -28.35 -29.32 -3.40
CA ALA F 132 -27.97 -28.56 -4.60
C ALA F 132 -28.91 -28.81 -5.78
N SER F 133 -29.42 -30.04 -5.87
CA SER F 133 -30.32 -30.41 -6.95
C SER F 133 -31.66 -29.67 -6.84
N GLY F 134 -31.98 -29.22 -5.63
CA GLY F 134 -33.24 -28.55 -5.38
C GLY F 134 -34.20 -29.43 -4.60
N GLY F 135 -33.83 -30.70 -4.44
CA GLY F 135 -34.67 -31.65 -3.73
C GLY F 135 -34.72 -31.36 -2.24
N TRP F 136 -35.79 -31.82 -1.60
CA TRP F 136 -35.96 -31.64 -0.16
C TRP F 136 -35.62 -32.93 0.57
N ASN F 137 -35.13 -32.79 1.79
CA ASN F 137 -34.88 -33.93 2.65
C ASN F 137 -35.08 -33.54 4.10
N ASP F 138 -35.87 -34.33 4.83
CA ASP F 138 -36.06 -34.07 6.25
C ASP F 138 -34.84 -34.55 7.02
N VAL F 139 -34.43 -33.76 8.01
CA VAL F 139 -33.23 -34.06 8.78
C VAL F 139 -33.45 -33.75 10.25
N ALA F 140 -32.50 -34.15 11.09
CA ALA F 140 -32.59 -33.86 12.51
C ALA F 140 -32.43 -32.36 12.73
N CYS F 141 -33.26 -31.83 13.62
CA CYS F 141 -33.28 -30.39 13.85
C CYS F 141 -32.03 -29.87 14.55
N HIS F 142 -31.27 -30.76 15.18
CA HIS F 142 -30.06 -30.37 15.88
C HIS F 142 -28.88 -30.31 14.94
N THR F 143 -29.11 -30.68 13.68
CA THR F 143 -28.10 -30.54 12.65
C THR F 143 -27.73 -29.08 12.47
N THR F 144 -26.45 -28.81 12.23
CA THR F 144 -25.98 -27.44 12.03
C THR F 144 -25.50 -27.24 10.61
N MET F 145 -26.06 -26.25 9.92
CA MET F 145 -25.67 -25.97 8.55
C MET F 145 -26.07 -24.54 8.18
N TYR F 146 -25.67 -24.10 7.00
CA TYR F 146 -26.06 -22.79 6.52
C TYR F 146 -27.57 -22.76 6.30
N PHE F 147 -28.14 -21.58 6.14
CA PHE F 147 -29.58 -21.45 5.95
C PHE F 147 -29.92 -20.28 5.03
N MET F 148 -31.16 -20.25 4.56
CA MET F 148 -31.61 -19.23 3.62
C MET F 148 -32.87 -18.51 4.13
N CYS F 149 -32.82 -17.19 4.12
CA CYS F 149 -33.94 -16.36 4.58
C CYS F 149 -34.74 -15.78 3.43
N GLU F 150 -36.03 -15.56 3.67
CA GLU F 150 -36.91 -14.99 2.67
C GLU F 150 -37.56 -13.69 3.17
N PHE F 151 -37.60 -12.68 2.31
CA PHE F 151 -38.19 -11.39 2.66
C PHE F 151 -39.25 -10.94 1.65
N ASP F 152 -40.37 -10.45 2.17
CA ASP F 152 -41.43 -9.85 1.34
C ASP F 152 -41.18 -8.36 1.13
N LYS F 153 -41.22 -7.91 -0.12
CA LYS F 153 -40.93 -6.50 -0.43
C LYS F 153 -42.01 -5.53 0.04
N GLU F 154 -42.76 -5.91 1.07
CA GLU F 154 -43.78 -5.05 1.64
C GLU F 154 -43.24 -4.24 2.81
#